data_8S0O
#
_entry.id   8S0O
#
_cell.length_a   45.448
_cell.length_b   213.116
_cell.length_c   55.666
_cell.angle_alpha   90.00
_cell.angle_beta   96.56
_cell.angle_gamma   90.00
#
_symmetry.space_group_name_H-M   'P 1 21 1'
#
loop_
_entity.id
_entity.type
_entity.pdbx_description
1 polymer 'Tyrosine-protein phosphatase non-receptor type 11'
2 non-polymer 'FORMIC ACID'
3 non-polymer 3-[4-chloranyl-2-(1H-pyrazol-4-ylmethyl)indazol-5-yl]-5-methyl-6-(piperazin-1-ylmethyl)-1H-pyrrolo[3,2-b]pyridine
4 water water
#
_entity_poly.entity_id   1
_entity_poly.type   'polypeptide(L)'
_entity_poly.pdbx_seq_one_letter_code
;HMTSRRWFHPNITGVEAENLLLTRGVDGSFLARPSKSNPGDFTLSVRRNGAVTHIKIQNTGDYYDLYGGEKFATLAELVQ
YYMEHHGQLKEKNGDVIELKYPLNCADPTSERWFHGHLSGKEAEKLLTEKGKHGSFLVRESQSHPGDFVLSVRTGDDKGE
SNDGKSKVTHVMIRCQELKYDVGGGERFDSLTDLVEHYKKNPMVETLGTVLQLKQPLNTTRINAAEIESRVRELSKLAET
TDKVKQGFWEEFETLQQQECKLLYSRKEGQRQENKNKNRYKNILPFDHTRVVLHDGDPNEPVSDYINANIIMPEFETKCN
NSKPKKSYIATQGCLQNTVNDFWRMVFQENSRVIVMTTKEVERGKSKCVKYWPDEYALKEYGVMRVRNVKESAAHDYTLR
ELKLSKVGQGNTERTVWQYHFRTWPDHGVPSDPGGVLDFLEEVHHKQESIMDAGPVVVHCSAGIGRTGTFIVIDILIDII
REKGVDCDIDVPKTIQMVRSQRSGMVQTEAQYRFIYMAVQHYIETLQRRLEHHHHHH
;
_entity_poly.pdbx_strand_id   A,B
#
# COMPACT_ATOMS: atom_id res chain seq x y z
N SER A 4 7.06 -4.52 9.93
CA SER A 4 7.28 -5.86 9.36
C SER A 4 8.58 -6.55 9.88
N ARG A 5 8.60 -7.89 9.92
CA ARG A 5 9.73 -8.61 10.51
C ARG A 5 10.32 -9.59 9.52
N ARG A 6 10.42 -9.17 8.27
CA ARG A 6 10.75 -10.07 7.17
C ARG A 6 12.22 -10.46 7.19
N TRP A 7 13.07 -9.73 7.93
CA TRP A 7 14.48 -10.01 8.05
C TRP A 7 14.81 -11.21 8.92
N PHE A 8 13.83 -11.79 9.64
CA PHE A 8 14.07 -12.98 10.44
C PHE A 8 13.78 -14.20 9.55
N HIS A 9 14.74 -15.09 9.42
CA HIS A 9 14.60 -16.30 8.62
C HIS A 9 14.59 -17.51 9.57
N PRO A 10 13.43 -18.11 9.86
CA PRO A 10 13.40 -19.17 10.91
C PRO A 10 14.09 -20.51 10.59
N ASN A 11 14.21 -20.89 9.28
CA ASN A 11 14.69 -22.22 8.89
C ASN A 11 15.86 -22.12 7.89
N ILE A 12 16.89 -21.37 8.24
CA ILE A 12 18.04 -21.13 7.35
C ILE A 12 19.30 -21.59 8.09
N THR A 13 20.28 -22.18 7.39
CA THR A 13 21.61 -22.43 7.99
C THR A 13 22.53 -21.20 7.80
N GLY A 14 23.66 -21.20 8.50
CA GLY A 14 24.68 -20.18 8.35
C GLY A 14 25.19 -20.02 6.94
N VAL A 15 25.43 -21.17 6.25
CA VAL A 15 25.92 -21.14 4.87
C VAL A 15 24.82 -20.69 3.92
N GLU A 16 23.55 -21.11 4.13
CA GLU A 16 22.44 -20.53 3.37
C GLU A 16 22.34 -19.00 3.57
N ALA A 17 22.55 -18.52 4.80
CA ALA A 17 22.52 -17.08 5.10
C ALA A 17 23.64 -16.34 4.36
N GLU A 18 24.88 -16.89 4.38
CA GLU A 18 25.98 -16.27 3.63
C GLU A 18 25.66 -16.22 2.15
N ASN A 19 25.14 -17.32 1.59
CA ASN A 19 24.85 -17.34 0.15
C ASN A 19 23.72 -16.37 -0.25
N LEU A 20 22.68 -16.25 0.59
CA LEU A 20 21.63 -15.27 0.34
C LEU A 20 22.16 -13.85 0.33
N LEU A 21 23.01 -13.50 1.31
CA LEU A 21 23.53 -12.13 1.42
C LEU A 21 24.48 -11.81 0.29
N LEU A 22 25.29 -12.80 -0.14
CA LEU A 22 26.24 -12.59 -1.25
C LEU A 22 25.57 -12.61 -2.61
N THR A 23 24.51 -13.41 -2.84
CA THR A 23 23.83 -13.42 -4.15
C THR A 23 22.66 -12.42 -4.25
N ARG A 24 21.86 -12.27 -3.20
CA ARG A 24 20.68 -11.42 -3.23
C ARG A 24 20.81 -10.09 -2.43
N GLY A 25 21.90 -9.94 -1.67
CA GLY A 25 22.14 -8.73 -0.91
C GLY A 25 23.25 -7.87 -1.47
N VAL A 26 23.42 -6.71 -0.85
CA VAL A 26 24.50 -5.78 -1.09
C VAL A 26 25.20 -5.46 0.25
N ASP A 27 26.28 -4.65 0.25
CA ASP A 27 26.85 -4.19 1.54
C ASP A 27 25.79 -3.37 2.31
N GLY A 28 25.65 -3.71 3.60
CA GLY A 28 24.56 -3.21 4.43
C GLY A 28 23.38 -4.16 4.54
N SER A 29 23.33 -5.23 3.70
CA SER A 29 22.25 -6.22 3.86
C SER A 29 22.45 -7.00 5.12
N PHE A 30 21.33 -7.43 5.70
CA PHE A 30 21.37 -8.20 6.94
C PHE A 30 20.13 -9.07 7.10
N LEU A 31 20.26 -10.05 7.94
CA LEU A 31 19.20 -10.96 8.33
C LEU A 31 19.52 -11.55 9.71
N ALA A 32 18.48 -12.04 10.40
CA ALA A 32 18.67 -12.72 11.67
C ALA A 32 18.06 -14.12 11.53
N ARG A 33 18.54 -15.05 12.33
CA ARG A 33 18.20 -16.44 12.21
C ARG A 33 18.45 -17.15 13.57
N PRO A 34 17.70 -18.20 13.88
CA PRO A 34 18.02 -19.01 15.05
C PRO A 34 19.15 -20.04 14.83
N SER A 35 19.83 -20.48 15.90
CA SER A 35 20.68 -21.71 15.79
C SER A 35 19.77 -22.90 15.66
N LYS A 36 20.04 -23.77 14.67
CA LYS A 36 19.16 -24.92 14.44
C LYS A 36 19.19 -25.91 15.59
N SER A 37 20.25 -25.89 16.43
CA SER A 37 20.35 -26.64 17.68
C SER A 37 20.13 -25.72 18.93
N ASN A 38 21.19 -25.02 19.44
CA ASN A 38 21.17 -24.32 20.73
C ASN A 38 20.03 -23.32 20.78
N PRO A 39 18.95 -23.56 21.56
CA PRO A 39 17.80 -22.62 21.52
C PRO A 39 18.07 -21.44 22.46
N GLY A 40 17.55 -20.28 22.10
CA GLY A 40 17.98 -19.02 22.71
C GLY A 40 19.29 -18.50 22.13
N ASP A 41 19.83 -19.16 21.08
CA ASP A 41 20.93 -18.59 20.35
C ASP A 41 20.37 -18.11 19.02
N PHE A 42 20.76 -16.92 18.64
CA PHE A 42 20.39 -16.33 17.37
C PHE A 42 21.65 -15.74 16.77
N THR A 43 21.60 -15.46 15.47
CA THR A 43 22.73 -14.83 14.79
C THR A 43 22.21 -13.71 13.93
N LEU A 44 22.85 -12.54 14.02
CA LEU A 44 22.69 -11.46 13.06
C LEU A 44 23.81 -11.62 11.97
N SER A 45 23.42 -11.85 10.71
CA SER A 45 24.38 -12.00 9.62
C SER A 45 24.29 -10.75 8.75
N VAL A 46 25.45 -10.10 8.52
CA VAL A 46 25.54 -8.81 7.88
C VAL A 46 26.64 -8.81 6.78
N ARG A 47 26.30 -8.31 5.60
CA ARG A 47 27.26 -8.09 4.53
C ARG A 47 27.96 -6.73 4.67
N ARG A 48 29.30 -6.75 4.65
CA ARG A 48 30.10 -5.52 4.66
C ARG A 48 31.40 -5.78 3.87
N ASN A 49 31.84 -4.80 3.06
CA ASN A 49 32.99 -4.95 2.14
C ASN A 49 32.98 -6.27 1.31
N GLY A 50 31.84 -6.65 0.78
CA GLY A 50 31.71 -7.86 -0.04
C GLY A 50 31.83 -9.19 0.70
N ALA A 51 31.87 -9.15 2.04
CA ALA A 51 32.00 -10.36 2.88
C ALA A 51 30.86 -10.40 3.94
N VAL A 52 30.59 -11.59 4.52
CA VAL A 52 29.52 -11.73 5.52
C VAL A 52 30.10 -11.94 6.90
N THR A 53 29.74 -11.08 7.86
CA THR A 53 30.04 -11.31 9.27
C THR A 53 28.82 -11.85 10.04
N HIS A 54 29.08 -12.66 11.07
CA HIS A 54 28.03 -13.26 11.87
C HIS A 54 28.22 -12.76 13.30
N ILE A 55 27.17 -12.22 13.93
CA ILE A 55 27.26 -11.67 15.28
C ILE A 55 26.28 -12.45 16.15
N LYS A 56 26.74 -12.97 17.30
CA LYS A 56 25.93 -13.86 18.11
C LYS A 56 25.07 -12.99 18.97
N ILE A 57 23.86 -13.48 19.17
CA ILE A 57 22.88 -12.91 20.09
C ILE A 57 22.44 -14.03 20.99
N GLN A 58 22.72 -13.91 22.28
CA GLN A 58 22.33 -14.91 23.25
C GLN A 58 21.11 -14.42 24.05
N ASN A 59 20.18 -15.32 24.31
CA ASN A 59 19.10 -15.07 25.29
C ASN A 59 18.94 -16.22 26.29
N THR A 60 19.36 -16.04 27.54
CA THR A 60 19.16 -17.06 28.58
C THR A 60 17.82 -16.93 29.35
N GLY A 61 17.00 -15.96 29.00
CA GLY A 61 15.78 -15.71 29.71
C GLY A 61 15.54 -14.27 30.14
N ASP A 62 16.58 -13.41 30.14
CA ASP A 62 16.41 -12.04 30.69
C ASP A 62 16.39 -10.93 29.67
N TYR A 63 17.04 -11.17 28.53
CA TYR A 63 17.19 -10.14 27.48
C TYR A 63 18.01 -10.77 26.32
N TYR A 64 17.91 -10.14 25.18
CA TYR A 64 18.78 -10.44 24.04
C TYR A 64 20.06 -9.71 24.19
N ASP A 65 21.14 -10.45 24.24
CA ASP A 65 22.47 -9.90 24.46
C ASP A 65 23.23 -10.03 23.18
N LEU A 66 23.44 -8.91 22.50
CA LEU A 66 24.11 -8.89 21.20
C LEU A 66 25.63 -8.75 21.44
N TYR A 67 26.43 -9.65 20.90
CA TYR A 67 27.91 -9.60 21.08
C TYR A 67 28.49 -8.25 20.63
N GLY A 68 29.28 -7.62 21.49
CA GLY A 68 29.88 -6.34 21.15
C GLY A 68 28.88 -5.26 20.78
N GLY A 69 27.66 -5.42 21.31
CA GLY A 69 26.61 -4.43 21.22
C GLY A 69 25.94 -4.36 22.56
N GLU A 70 24.68 -4.09 22.53
CA GLU A 70 23.91 -3.82 23.73
C GLU A 70 22.88 -4.95 23.96
N LYS A 71 22.07 -4.78 25.02
CA LYS A 71 21.08 -5.73 25.44
C LYS A 71 19.70 -5.15 25.08
N PHE A 72 18.80 -6.00 24.56
CA PHE A 72 17.53 -5.55 24.04
C PHE A 72 16.36 -6.44 24.48
N ALA A 73 15.14 -5.89 24.49
CA ALA A 73 13.93 -6.63 24.86
C ALA A 73 13.38 -7.52 23.77
N THR A 74 13.54 -7.11 22.49
CA THR A 74 13.09 -7.91 21.35
C THR A 74 14.11 -7.75 20.21
N LEU A 75 14.15 -8.70 19.30
CA LEU A 75 15.01 -8.56 18.12
C LEU A 75 14.52 -7.39 17.25
N ALA A 76 13.19 -7.16 17.20
CA ALA A 76 12.70 -6.00 16.42
C ALA A 76 13.22 -4.67 16.99
N GLU A 77 13.23 -4.52 18.34
CA GLU A 77 13.80 -3.33 18.98
C GLU A 77 15.31 -3.22 18.73
N LEU A 78 16.02 -4.36 18.69
CA LEU A 78 17.45 -4.40 18.38
C LEU A 78 17.65 -3.87 16.94
N VAL A 79 16.92 -4.38 15.98
CA VAL A 79 17.07 -3.97 14.58
C VAL A 79 16.72 -2.49 14.43
N GLN A 80 15.61 -2.04 15.05
CA GLN A 80 15.18 -0.66 15.00
C GLN A 80 16.24 0.27 15.56
N TYR A 81 16.84 -0.06 16.70
CA TYR A 81 17.95 0.71 17.27
C TYR A 81 19.12 0.86 16.27
N TYR A 82 19.58 -0.24 15.65
CA TYR A 82 20.80 -0.17 14.84
C TYR A 82 20.48 0.45 13.46
N MET A 83 19.28 0.22 12.93
CA MET A 83 18.83 0.87 11.69
C MET A 83 18.54 2.36 11.84
N GLU A 84 18.45 2.88 13.08
CA GLU A 84 18.26 4.31 13.33
C GLU A 84 19.40 4.93 14.17
N HIS A 85 20.59 4.30 14.22
CA HIS A 85 21.74 4.84 14.96
C HIS A 85 23.04 4.36 14.26
N GLN A 88 27.52 2.54 15.75
CA GLN A 88 27.01 1.99 16.99
C GLN A 88 27.34 0.50 17.08
N LEU A 89 27.05 -0.30 16.03
CA LEU A 89 27.38 -1.72 16.04
C LEU A 89 28.78 -1.92 15.48
N LYS A 90 29.64 -2.54 16.27
CA LYS A 90 31.06 -2.70 15.97
C LYS A 90 31.49 -4.14 16.10
N GLU A 91 32.53 -4.52 15.31
CA GLU A 91 33.14 -5.84 15.39
C GLU A 91 34.18 -5.85 16.57
N LYS A 92 34.92 -6.97 16.75
CA LYS A 92 35.91 -7.15 17.82
C LYS A 92 37.09 -6.14 17.66
N ASN A 93 37.71 -6.06 16.45
CA ASN A 93 38.72 -5.01 16.14
C ASN A 93 38.13 -3.56 16.20
N GLY A 94 36.82 -3.43 16.35
CA GLY A 94 36.14 -2.20 16.65
C GLY A 94 35.54 -1.49 15.44
N ASP A 95 35.56 -2.14 14.26
CA ASP A 95 35.06 -1.51 13.04
C ASP A 95 33.54 -1.43 13.01
N VAL A 96 32.99 -0.40 12.38
CA VAL A 96 31.54 -0.21 12.34
C VAL A 96 30.91 -1.14 11.29
N ILE A 97 29.84 -1.84 11.69
CA ILE A 97 29.00 -2.72 10.89
C ILE A 97 27.65 -1.98 10.74
N GLU A 98 27.25 -1.60 9.51
CA GLU A 98 26.00 -0.87 9.26
C GLU A 98 24.88 -1.87 8.93
N LEU A 99 23.70 -1.75 9.58
CA LEU A 99 22.50 -2.52 9.20
C LEU A 99 21.71 -1.56 8.33
N LYS A 100 21.72 -1.76 7.01
CA LYS A 100 21.02 -0.84 6.10
C LYS A 100 19.77 -1.47 5.46
N TYR A 101 19.92 -2.71 4.90
CA TYR A 101 18.94 -3.34 4.03
C TYR A 101 18.50 -4.69 4.54
N PRO A 102 17.31 -4.80 5.16
CA PRO A 102 16.82 -6.13 5.55
C PRO A 102 16.73 -7.03 4.34
N LEU A 103 17.14 -8.27 4.49
CA LEU A 103 17.06 -9.27 3.43
C LEU A 103 15.84 -10.09 3.79
N ASN A 104 14.75 -9.92 3.03
CA ASN A 104 13.47 -10.50 3.38
C ASN A 104 13.38 -12.01 3.12
N CYS A 105 12.68 -12.69 4.02
CA CYS A 105 12.42 -14.09 4.01
C CYS A 105 11.05 -14.37 3.36
N ALA A 106 10.96 -15.41 2.50
CA ALA A 106 9.72 -15.77 1.83
C ALA A 106 8.97 -16.91 2.54
N ASP A 107 9.64 -17.63 3.45
CA ASP A 107 9.10 -18.77 4.20
C ASP A 107 7.83 -18.37 4.93
N PRO A 108 6.68 -19.00 4.68
CA PRO A 108 5.44 -18.66 5.41
C PRO A 108 5.20 -19.34 6.75
N THR A 109 6.12 -20.19 7.20
CA THR A 109 5.85 -21.05 8.37
C THR A 109 5.52 -20.31 9.67
N SER A 110 6.00 -19.07 9.89
CA SER A 110 5.69 -18.34 11.14
C SER A 110 4.55 -17.34 11.00
N GLU A 111 3.70 -17.49 9.93
CA GLU A 111 2.55 -16.64 9.79
C GLU A 111 1.41 -17.30 10.46
N ARG A 112 0.60 -16.55 11.22
CA ARG A 112 -0.55 -17.15 11.91
C ARG A 112 -1.55 -17.84 11.00
N TRP A 113 -1.69 -17.32 9.77
CA TRP A 113 -2.64 -17.89 8.81
C TRP A 113 -2.09 -19.13 8.06
N PHE A 114 -0.80 -19.45 8.17
CA PHE A 114 -0.26 -20.58 7.43
C PHE A 114 -0.44 -21.84 8.22
N HIS A 115 -1.25 -22.77 7.69
CA HIS A 115 -1.47 -24.07 8.27
C HIS A 115 -0.95 -25.28 7.45
N GLY A 116 0.02 -25.09 6.57
CA GLY A 116 0.84 -26.20 6.10
C GLY A 116 0.08 -27.35 5.50
N HIS A 117 0.13 -28.59 6.10
CA HIS A 117 -0.46 -29.74 5.43
C HIS A 117 -1.97 -29.65 5.39
N LEU A 118 -2.64 -29.44 6.55
CA LEU A 118 -4.09 -29.23 6.62
C LEU A 118 -4.93 -29.53 5.32
N SER A 119 -5.81 -30.53 5.40
CA SER A 119 -6.65 -30.91 4.27
C SER A 119 -7.80 -29.89 4.13
N GLY A 120 -8.49 -29.94 2.99
CA GLY A 120 -9.59 -29.03 2.75
C GLY A 120 -10.81 -29.26 3.60
N LYS A 121 -11.03 -30.50 4.05
CA LYS A 121 -12.20 -30.79 4.89
C LYS A 121 -11.87 -30.37 6.32
N GLU A 122 -10.63 -30.69 6.80
CA GLU A 122 -10.08 -30.20 8.06
C GLU A 122 -10.21 -28.66 8.17
N ALA A 123 -9.97 -27.93 7.06
CA ALA A 123 -9.97 -26.47 7.03
C ALA A 123 -11.36 -25.87 7.11
N GLU A 124 -12.36 -26.49 6.41
CA GLU A 124 -13.76 -26.08 6.46
C GLU A 124 -14.37 -26.31 7.84
N LYS A 125 -13.96 -27.40 8.52
CA LYS A 125 -14.56 -27.72 9.81
C LYS A 125 -14.08 -26.68 10.82
N LEU A 126 -12.77 -26.38 10.80
CA LEU A 126 -12.19 -25.38 11.72
C LEU A 126 -12.82 -24.02 11.49
N LEU A 127 -12.91 -23.55 10.22
CA LEU A 127 -13.53 -22.27 9.95
C LEU A 127 -15.01 -22.25 10.35
N THR A 128 -15.72 -23.35 10.15
CA THR A 128 -17.13 -23.46 10.59
C THR A 128 -17.31 -23.41 12.12
N GLU A 129 -16.50 -24.16 12.87
CA GLU A 129 -16.64 -24.24 14.33
C GLU A 129 -16.00 -23.05 15.07
N LYS A 130 -14.75 -22.69 14.71
CA LYS A 130 -13.94 -21.68 15.38
C LYS A 130 -13.98 -20.30 14.72
N GLY A 131 -14.27 -20.26 13.42
CA GLY A 131 -14.12 -19.06 12.63
C GLY A 131 -15.27 -18.11 12.73
N LYS A 132 -15.08 -16.95 12.16
CA LYS A 132 -15.94 -15.78 12.20
C LYS A 132 -15.91 -15.14 10.79
N HIS A 133 -16.74 -14.11 10.51
CA HIS A 133 -16.64 -13.39 9.22
C HIS A 133 -15.23 -12.79 9.06
N GLY A 134 -14.63 -13.06 7.92
CA GLY A 134 -13.29 -12.59 7.58
C GLY A 134 -12.16 -13.45 8.11
N SER A 135 -12.47 -14.53 8.83
CA SER A 135 -11.43 -15.48 9.26
C SER A 135 -10.88 -16.28 8.08
N PHE A 136 -9.55 -16.37 7.98
CA PHE A 136 -8.92 -17.04 6.87
C PHE A 136 -7.69 -17.85 7.27
N LEU A 137 -7.26 -18.73 6.36
CA LEU A 137 -6.03 -19.48 6.44
C LEU A 137 -5.52 -19.84 5.03
N VAL A 138 -4.27 -20.24 4.94
CA VAL A 138 -3.61 -20.70 3.72
C VAL A 138 -3.07 -22.07 4.08
N ARG A 139 -3.32 -23.04 3.23
CA ARG A 139 -2.87 -24.41 3.37
C ARG A 139 -2.30 -24.90 2.06
N GLU A 140 -1.48 -25.94 2.12
CA GLU A 140 -0.98 -26.60 0.91
C GLU A 140 -2.16 -27.34 0.19
N SER A 141 -2.26 -27.30 -1.18
CA SER A 141 -3.45 -27.79 -2.00
C SER A 141 -3.97 -29.29 -1.88
N GLN A 142 -3.07 -30.24 -1.86
CA GLN A 142 -3.23 -31.70 -1.95
C GLN A 142 -3.57 -32.18 -3.38
N SER A 143 -4.55 -31.56 -4.05
CA SER A 143 -4.89 -31.92 -5.43
C SER A 143 -3.81 -31.47 -6.44
N HIS A 144 -3.31 -30.24 -6.27
CA HIS A 144 -2.33 -29.65 -7.17
C HIS A 144 -1.05 -29.45 -6.34
N PRO A 145 -0.18 -30.48 -6.15
CA PRO A 145 0.96 -30.29 -5.25
C PRO A 145 1.88 -29.14 -5.59
N GLY A 146 2.43 -28.49 -4.57
CA GLY A 146 3.23 -27.27 -4.73
C GLY A 146 2.42 -25.99 -4.73
N ASP A 147 1.12 -26.07 -5.05
CA ASP A 147 0.21 -24.95 -4.97
C ASP A 147 -0.39 -24.83 -3.57
N PHE A 148 -1.15 -23.77 -3.34
CA PHE A 148 -1.74 -23.52 -2.01
C PHE A 148 -3.23 -23.18 -2.14
N VAL A 149 -3.98 -23.16 -1.06
CA VAL A 149 -5.37 -22.70 -1.06
C VAL A 149 -5.57 -21.66 0.02
N LEU A 150 -6.22 -20.56 -0.31
CA LEU A 150 -6.69 -19.61 0.66
C LEU A 150 -8.16 -19.97 0.97
N SER A 151 -8.45 -20.33 2.23
CA SER A 151 -9.81 -20.56 2.68
C SER A 151 -10.32 -19.43 3.54
N VAL A 152 -11.46 -18.84 3.20
CA VAL A 152 -11.98 -17.67 3.89
C VAL A 152 -13.42 -17.89 4.28
N ARG A 153 -13.82 -17.52 5.52
CA ARG A 153 -15.21 -17.52 5.94
C ARG A 153 -15.77 -16.10 5.79
N THR A 154 -17.00 -15.96 5.26
CA THR A 154 -17.71 -14.69 5.17
C THR A 154 -19.16 -14.91 5.66
N GLY A 155 -19.74 -13.93 6.35
CA GLY A 155 -21.13 -14.04 6.74
C GLY A 155 -21.63 -13.12 7.82
N ASP A 156 -22.81 -13.44 8.32
CA ASP A 156 -23.47 -12.72 9.41
C ASP A 156 -23.08 -13.46 10.68
N ASP A 157 -22.33 -12.83 11.60
CA ASP A 157 -21.94 -13.49 12.84
C ASP A 157 -23.08 -13.56 13.88
N LYS A 158 -24.18 -12.82 13.68
CA LYS A 158 -25.16 -12.62 14.73
C LYS A 158 -25.91 -13.90 15.09
N GLY A 159 -26.18 -14.73 14.09
CA GLY A 159 -26.87 -15.99 14.27
C GLY A 159 -26.13 -17.01 15.13
N GLU A 160 -26.90 -17.89 15.78
CA GLU A 160 -26.37 -19.00 16.59
C GLU A 160 -26.84 -20.34 15.99
N SER A 161 -26.83 -20.42 14.65
CA SER A 161 -27.27 -21.60 13.91
C SER A 161 -26.64 -21.61 12.52
N ASN A 162 -26.43 -22.81 11.97
CA ASN A 162 -25.98 -22.96 10.58
C ASN A 162 -27.18 -22.81 9.65
N ASP A 163 -27.53 -21.54 9.38
CA ASP A 163 -28.71 -21.18 8.57
C ASP A 163 -28.34 -20.60 7.18
N GLY A 164 -27.14 -20.90 6.68
CA GLY A 164 -26.71 -20.46 5.37
C GLY A 164 -26.39 -18.98 5.24
N LYS A 165 -26.46 -18.23 6.35
CA LYS A 165 -26.07 -16.82 6.37
C LYS A 165 -24.53 -16.63 6.27
N SER A 166 -23.74 -17.69 6.54
CA SER A 166 -22.29 -17.66 6.34
C SER A 166 -21.86 -18.81 5.41
N LYS A 167 -20.62 -18.74 4.90
CA LYS A 167 -20.04 -19.72 3.99
C LYS A 167 -18.49 -19.68 4.03
N VAL A 168 -17.83 -20.77 3.62
CA VAL A 168 -16.39 -20.81 3.33
C VAL A 168 -16.16 -20.79 1.82
N THR A 169 -15.21 -19.95 1.34
CA THR A 169 -14.77 -19.90 -0.05
C THR A 169 -13.30 -20.29 -0.11
N HIS A 170 -12.98 -21.16 -1.06
CA HIS A 170 -11.61 -21.55 -1.34
C HIS A 170 -11.11 -20.84 -2.61
N VAL A 171 -9.91 -20.27 -2.53
CA VAL A 171 -9.24 -19.58 -3.61
C VAL A 171 -7.92 -20.30 -3.85
N MET A 172 -7.78 -20.91 -5.00
CA MET A 172 -6.55 -21.56 -5.40
C MET A 172 -5.42 -20.55 -5.61
N ILE A 173 -4.23 -20.88 -5.09
CA ILE A 173 -3.04 -20.06 -5.23
C ILE A 173 -2.05 -20.92 -5.98
N ARG A 174 -1.70 -20.51 -7.21
CA ARG A 174 -0.67 -21.20 -7.97
C ARG A 174 0.68 -20.72 -7.59
N CYS A 175 1.64 -21.65 -7.59
CA CYS A 175 3.06 -21.35 -7.45
C CYS A 175 3.70 -21.67 -8.76
N GLN A 176 4.16 -20.63 -9.45
CA GLN A 176 4.77 -20.75 -10.77
C GLN A 176 6.12 -20.04 -10.67
N GLU A 177 7.22 -20.82 -10.58
CA GLU A 177 8.59 -20.30 -10.51
C GLU A 177 8.84 -19.53 -9.23
N LEU A 178 8.38 -20.07 -8.12
CA LEU A 178 8.42 -19.44 -6.80
C LEU A 178 7.87 -18.00 -6.79
N LYS A 179 6.91 -17.74 -7.68
CA LYS A 179 6.02 -16.63 -7.49
C LYS A 179 4.61 -17.17 -7.36
N TYR A 180 3.75 -16.45 -6.68
CA TYR A 180 2.42 -16.88 -6.26
C TYR A 180 1.34 -16.00 -6.86
N ASP A 181 0.25 -16.61 -7.29
CA ASP A 181 -0.87 -15.85 -7.84
C ASP A 181 -2.22 -16.53 -7.66
N VAL A 182 -3.29 -15.76 -7.68
CA VAL A 182 -4.67 -16.24 -7.59
C VAL A 182 -5.32 -16.51 -8.98
N GLY A 183 -4.50 -16.82 -9.99
CA GLY A 183 -4.98 -17.14 -11.35
C GLY A 183 -4.98 -15.98 -12.33
N GLY A 184 -4.51 -14.83 -11.88
CA GLY A 184 -4.56 -13.61 -12.67
C GLY A 184 -3.99 -12.45 -11.89
N GLY A 185 -3.61 -11.40 -12.60
CA GLY A 185 -3.10 -10.19 -12.00
C GLY A 185 -1.62 -10.29 -11.66
N GLU A 186 -1.29 -9.77 -10.46
CA GLU A 186 0.07 -9.70 -9.94
C GLU A 186 0.58 -11.07 -9.47
N ARG A 187 1.89 -11.29 -9.65
CA ARG A 187 2.59 -12.46 -9.21
C ARG A 187 3.56 -12.04 -8.10
N PHE A 188 3.44 -12.68 -6.97
CA PHE A 188 4.08 -12.23 -5.73
C PHE A 188 5.31 -13.05 -5.39
N ASP A 189 6.31 -12.40 -4.75
CA ASP A 189 7.53 -13.12 -4.36
C ASP A 189 7.30 -14.11 -3.22
N SER A 190 6.18 -14.00 -2.49
CA SER A 190 5.90 -14.87 -1.35
C SER A 190 4.39 -14.88 -1.06
N LEU A 191 3.94 -15.92 -0.34
CA LEU A 191 2.58 -15.95 0.15
C LEU A 191 2.26 -14.77 1.06
N THR A 192 3.27 -14.27 1.83
CA THR A 192 3.01 -13.13 2.72
C THR A 192 2.66 -11.90 1.93
N ASP A 193 3.41 -11.63 0.87
CA ASP A 193 3.15 -10.50 -0.01
C ASP A 193 1.77 -10.64 -0.64
N LEU A 194 1.40 -11.87 -1.04
CA LEU A 194 0.09 -12.11 -1.64
C LEU A 194 -1.01 -11.80 -0.64
N VAL A 195 -0.92 -12.38 0.58
CA VAL A 195 -1.94 -12.20 1.60
C VAL A 195 -2.04 -10.72 1.98
N GLU A 196 -0.88 -10.04 2.13
CA GLU A 196 -0.88 -8.61 2.49
C GLU A 196 -1.55 -7.79 1.42
N HIS A 197 -1.27 -8.11 0.15
CA HIS A 197 -1.96 -7.45 -0.95
C HIS A 197 -3.46 -7.63 -0.91
N TYR A 198 -3.95 -8.88 -0.74
CA TYR A 198 -5.39 -9.13 -0.77
C TYR A 198 -6.07 -8.78 0.56
N LYS A 199 -5.29 -8.51 1.61
CA LYS A 199 -5.78 -8.00 2.89
C LYS A 199 -6.16 -6.50 2.78
N LYS A 200 -5.42 -5.73 1.98
CA LYS A 200 -5.68 -4.31 1.72
C LYS A 200 -6.65 -4.16 0.55
N ASN A 201 -6.51 -5.00 -0.49
CA ASN A 201 -7.33 -4.95 -1.71
C ASN A 201 -8.12 -6.27 -1.86
N PRO A 202 -9.20 -6.45 -1.07
CA PRO A 202 -9.86 -7.77 -1.07
C PRO A 202 -10.46 -8.17 -2.41
N MET A 203 -10.41 -9.47 -2.68
CA MET A 203 -11.07 -10.05 -3.85
C MET A 203 -12.58 -9.88 -3.73
N VAL A 204 -13.26 -9.63 -4.88
CA VAL A 204 -14.71 -9.52 -4.92
C VAL A 204 -15.20 -10.58 -5.89
N GLU A 205 -16.18 -11.38 -5.45
CA GLU A 205 -16.83 -12.37 -6.30
C GLU A 205 -17.69 -11.64 -7.35
N THR A 206 -18.03 -12.32 -8.48
CA THR A 206 -18.78 -11.64 -9.55
C THR A 206 -20.12 -11.13 -9.03
N LEU A 207 -20.79 -11.93 -8.16
CA LEU A 207 -22.05 -11.51 -7.57
C LEU A 207 -21.93 -10.67 -6.32
N GLY A 208 -20.73 -10.17 -6.02
CA GLY A 208 -20.55 -9.08 -5.07
C GLY A 208 -19.90 -9.39 -3.74
N THR A 209 -19.82 -10.67 -3.31
CA THR A 209 -19.27 -10.99 -2.00
C THR A 209 -17.80 -10.54 -1.91
N VAL A 210 -17.46 -9.79 -0.86
CA VAL A 210 -16.09 -9.33 -0.65
C VAL A 210 -15.39 -10.35 0.24
N LEU A 211 -14.31 -10.97 -0.26
CA LEU A 211 -13.58 -11.97 0.51
C LEU A 211 -12.57 -11.23 1.38
N GLN A 212 -13.08 -10.66 2.46
CA GLN A 212 -12.32 -9.82 3.38
C GLN A 212 -11.50 -10.75 4.23
N LEU A 213 -10.18 -10.53 4.26
CA LEU A 213 -9.24 -11.23 5.11
C LEU A 213 -9.04 -10.37 6.35
N LYS A 214 -9.95 -10.50 7.34
CA LYS A 214 -9.97 -9.66 8.54
C LYS A 214 -8.98 -10.16 9.59
N GLN A 215 -9.00 -11.47 9.91
CA GLN A 215 -8.11 -12.01 10.92
C GLN A 215 -7.75 -13.46 10.62
N PRO A 216 -6.51 -13.92 10.90
CA PRO A 216 -6.24 -15.37 10.79
C PRO A 216 -7.18 -16.17 11.67
N LEU A 217 -7.45 -17.41 11.27
CA LEU A 217 -8.20 -18.32 12.10
C LEU A 217 -7.48 -18.54 13.42
N ASN A 218 -8.20 -18.46 14.54
CA ASN A 218 -7.59 -18.68 15.86
C ASN A 218 -7.64 -20.16 16.18
N THR A 219 -6.48 -20.83 16.23
CA THR A 219 -6.35 -22.20 16.67
C THR A 219 -5.69 -22.40 18.01
N THR A 220 -5.29 -21.30 18.69
CA THR A 220 -4.57 -21.42 19.94
C THR A 220 -5.50 -21.30 21.16
N ARG A 221 -6.66 -20.65 21.02
CA ARG A 221 -7.65 -20.64 22.09
C ARG A 221 -8.16 -22.06 22.33
N ILE A 222 -8.02 -22.53 23.55
CA ILE A 222 -8.39 -23.89 23.95
C ILE A 222 -9.23 -23.82 25.20
N ASN A 223 -10.06 -24.84 25.42
CA ASN A 223 -10.70 -25.01 26.71
C ASN A 223 -9.65 -25.48 27.68
N ALA A 224 -9.60 -24.92 28.89
CA ALA A 224 -8.58 -25.31 29.87
C ALA A 224 -8.51 -26.80 30.14
N ALA A 225 -9.64 -27.51 30.06
CA ALA A 225 -9.70 -28.96 30.18
C ALA A 225 -8.91 -29.71 29.08
N GLU A 226 -8.78 -29.12 27.89
CA GLU A 226 -8.07 -29.68 26.74
C GLU A 226 -6.53 -29.41 26.81
N ILE A 227 -6.02 -28.83 27.93
CA ILE A 227 -4.61 -28.39 28.01
C ILE A 227 -3.66 -29.54 27.78
N GLU A 228 -3.87 -30.68 28.47
CA GLU A 228 -2.99 -31.83 28.37
C GLU A 228 -2.87 -32.33 26.94
N SER A 229 -3.99 -32.42 26.20
CA SER A 229 -3.96 -32.81 24.80
C SER A 229 -3.18 -31.81 23.98
N ARG A 230 -3.38 -30.50 24.24
CA ARG A 230 -2.68 -29.47 23.48
C ARG A 230 -1.16 -29.56 23.73
N VAL A 231 -0.73 -29.72 24.99
CA VAL A 231 0.68 -29.91 25.35
C VAL A 231 1.26 -31.12 24.60
N ARG A 232 0.54 -32.24 24.60
CA ARG A 232 0.91 -33.43 23.82
C ARG A 232 1.06 -33.13 22.32
N GLU A 233 0.11 -32.42 21.69
CA GLU A 233 0.24 -32.05 20.27
C GLU A 233 1.46 -31.14 20.08
N LEU A 234 1.68 -30.12 20.93
CA LEU A 234 2.82 -29.20 20.77
C LEU A 234 4.18 -29.85 21.05
N SER A 235 4.20 -30.92 21.83
CA SER A 235 5.43 -31.68 22.08
C SER A 235 5.83 -32.58 20.92
N LYS A 236 4.92 -32.91 19.99
CA LYS A 236 5.25 -33.69 18.79
C LYS A 236 5.96 -32.82 17.75
N GLN A 246 10.01 -28.63 17.55
CA GLN A 246 8.70 -29.03 18.10
C GLN A 246 7.55 -28.08 17.70
N GLY A 247 6.31 -28.43 18.04
CA GLY A 247 5.15 -27.58 17.79
C GLY A 247 5.15 -26.33 18.66
N PHE A 248 5.70 -26.45 19.90
CA PHE A 248 5.99 -25.30 20.73
C PHE A 248 6.89 -24.28 20.04
N TRP A 249 7.95 -24.74 19.31
CA TRP A 249 8.85 -23.82 18.59
C TRP A 249 8.10 -23.03 17.53
N GLU A 250 7.32 -23.71 16.67
CA GLU A 250 6.53 -23.05 15.63
C GLU A 250 5.57 -22.05 16.24
N GLU A 251 4.91 -22.44 17.36
CA GLU A 251 3.89 -21.57 17.93
C GLU A 251 4.55 -20.34 18.53
N PHE A 252 5.64 -20.52 19.26
CA PHE A 252 6.43 -19.42 19.78
C PHE A 252 6.98 -18.50 18.70
N GLU A 253 7.59 -19.06 17.65
CA GLU A 253 8.13 -18.22 16.56
C GLU A 253 7.05 -17.46 15.83
N THR A 254 5.82 -17.99 15.75
CA THR A 254 4.69 -17.22 15.19
C THR A 254 4.36 -16.03 16.06
N LEU A 255 4.36 -16.23 17.40
CA LEU A 255 4.18 -15.12 18.34
C LEU A 255 5.30 -14.08 18.17
N GLN A 256 6.56 -14.51 18.11
CA GLN A 256 7.71 -13.64 17.94
C GLN A 256 7.59 -12.84 16.64
N GLN A 257 7.06 -13.45 15.56
CA GLN A 257 6.90 -12.68 14.28
C GLN A 257 5.99 -11.49 14.44
N GLN A 258 5.04 -11.50 15.42
CA GLN A 258 4.16 -10.34 15.60
C GLN A 258 4.78 -9.17 16.45
N GLU A 259 6.04 -9.30 16.92
CA GLU A 259 6.61 -8.28 17.82
C GLU A 259 6.89 -6.96 17.05
N CYS A 260 6.96 -6.99 15.68
CA CYS A 260 7.07 -5.77 14.87
CA CYS A 260 7.14 -5.74 14.94
C CYS A 260 5.84 -4.85 15.03
N LYS A 261 4.69 -5.41 15.46
CA LYS A 261 3.47 -4.62 15.75
C LYS A 261 3.51 -3.87 17.09
N LEU A 262 4.56 -4.05 17.89
CA LEU A 262 4.65 -3.54 19.26
C LEU A 262 5.78 -2.56 19.46
N LEU A 263 6.17 -1.85 18.37
CA LEU A 263 7.26 -0.89 18.47
C LEU A 263 6.74 0.47 18.93
N TYR A 264 6.08 0.49 20.11
CA TYR A 264 5.57 1.72 20.71
C TYR A 264 6.66 2.59 21.27
N SER A 265 6.37 3.89 21.37
CA SER A 265 7.42 4.83 21.74
C SER A 265 7.82 4.66 23.22
N ARG A 266 9.08 4.91 23.48
CA ARG A 266 9.76 4.86 24.75
C ARG A 266 10.58 6.14 24.92
N LYS A 267 10.01 7.33 24.56
CA LYS A 267 10.75 8.56 24.59
C LYS A 267 11.15 9.01 25.98
N GLU A 268 10.29 8.82 27.00
CA GLU A 268 10.60 9.27 28.34
C GLU A 268 11.84 8.57 28.88
N GLY A 269 11.93 7.25 28.70
CA GLY A 269 13.12 6.48 29.12
C GLY A 269 14.43 6.86 28.45
N GLN A 270 14.34 7.47 27.28
CA GLN A 270 15.48 7.95 26.46
C GLN A 270 16.00 9.31 26.83
N ARG A 271 15.29 10.08 27.67
CA ARG A 271 15.77 11.40 28.07
C ARG A 271 17.05 11.31 28.84
N GLN A 272 17.96 12.30 28.68
CA GLN A 272 19.25 12.31 29.34
C GLN A 272 19.10 12.20 30.83
N GLU A 273 18.10 12.91 31.40
CA GLU A 273 17.83 12.94 32.83
C GLU A 273 17.46 11.51 33.33
N ASN A 274 16.90 10.69 32.46
CA ASN A 274 16.42 9.37 32.83
C ASN A 274 17.38 8.22 32.47
N LYS A 275 18.41 8.47 31.65
CA LYS A 275 19.34 7.40 31.24
C LYS A 275 19.89 6.54 32.36
N ASN A 276 20.32 7.14 33.48
CA ASN A 276 20.95 6.39 34.54
C ASN A 276 19.97 5.73 35.51
N LYS A 277 18.68 5.91 35.28
CA LYS A 277 17.64 5.22 36.00
C LYS A 277 17.25 3.89 35.31
N ASN A 278 17.92 3.54 34.17
CA ASN A 278 17.71 2.28 33.43
C ASN A 278 18.85 1.30 33.70
N ARG A 279 18.55 0.10 34.12
CA ARG A 279 19.53 -0.95 34.30
C ARG A 279 20.23 -1.28 32.99
N TYR A 280 19.49 -1.31 31.89
CA TYR A 280 19.96 -1.55 30.56
C TYR A 280 19.44 -0.38 29.70
N LYS A 281 20.34 0.36 29.01
CA LYS A 281 19.96 1.59 28.35
C LYS A 281 18.86 1.47 27.28
N ASN A 282 18.75 0.33 26.64
CA ASN A 282 17.80 0.11 25.56
C ASN A 282 16.58 -0.70 26.00
N ILE A 283 16.50 -1.17 27.28
CA ILE A 283 15.31 -1.86 27.74
C ILE A 283 14.49 -0.85 28.54
N LEU A 284 13.44 -0.35 27.93
CA LEU A 284 12.72 0.84 28.37
C LEU A 284 11.22 0.62 28.46
N PRO A 285 10.54 1.39 29.35
CA PRO A 285 9.08 1.26 29.45
C PRO A 285 8.39 2.04 28.32
N PHE A 286 7.36 1.48 27.76
CA PHE A 286 6.49 2.20 26.84
C PHE A 286 5.89 3.41 27.50
N ASP A 287 5.85 4.51 26.76
CA ASP A 287 5.31 5.78 27.27
C ASP A 287 3.86 5.64 27.71
N HIS A 288 3.06 4.90 26.96
CA HIS A 288 1.63 4.85 27.18
C HIS A 288 1.23 4.05 28.40
N THR A 289 2.10 3.19 28.95
CA THR A 289 1.74 2.36 30.16
C THR A 289 2.74 2.55 31.33
N ARG A 290 3.77 3.44 31.16
CA ARG A 290 4.77 3.67 32.19
C ARG A 290 4.11 4.18 33.46
N VAL A 291 4.68 3.84 34.57
CA VAL A 291 4.24 4.35 35.83
C VAL A 291 4.80 5.76 35.94
N VAL A 292 3.91 6.76 36.07
CA VAL A 292 4.30 8.16 36.28
C VAL A 292 4.33 8.49 37.75
N LEU A 293 5.48 8.93 38.27
CA LEU A 293 5.63 9.23 39.67
C LEU A 293 5.29 10.69 39.87
N HIS A 294 4.35 10.96 40.77
CA HIS A 294 3.90 12.32 41.08
C HIS A 294 4.49 12.80 42.41
N ASP A 295 4.22 14.05 42.78
CA ASP A 295 4.63 14.59 44.09
C ASP A 295 6.14 14.50 44.32
N GLY A 296 6.91 14.67 43.27
CA GLY A 296 8.37 14.59 43.36
C GLY A 296 8.97 15.81 44.02
N ASP A 297 10.27 15.75 44.34
CA ASP A 297 11.00 16.92 44.85
C ASP A 297 10.95 18.03 43.78
N PRO A 298 10.39 19.25 44.07
CA PRO A 298 10.39 20.30 43.03
C PRO A 298 11.77 20.66 42.50
N ASN A 299 12.81 20.45 43.32
CA ASN A 299 14.20 20.70 42.93
C ASN A 299 14.75 19.66 41.95
N GLU A 300 14.25 18.43 41.97
CA GLU A 300 14.65 17.42 40.97
C GLU A 300 13.92 17.73 39.66
N PRO A 301 14.64 18.06 38.57
CA PRO A 301 13.93 18.53 37.36
C PRO A 301 13.01 17.44 36.77
N VAL A 302 13.54 16.20 36.59
CA VAL A 302 12.73 15.10 36.11
C VAL A 302 12.59 14.10 37.24
N SER A 303 11.48 14.21 37.98
CA SER A 303 11.20 13.41 39.15
C SER A 303 10.11 12.36 38.94
N ASP A 304 9.59 12.18 37.70
CA ASP A 304 8.40 11.41 37.39
C ASP A 304 8.70 10.04 36.76
N TYR A 305 9.97 9.61 36.73
CA TYR A 305 10.34 8.46 35.92
C TYR A 305 10.83 7.32 36.75
N ILE A 306 10.31 6.14 36.44
CA ILE A 306 10.80 4.83 36.87
C ILE A 306 10.62 3.86 35.71
N ASN A 307 11.57 2.94 35.56
CA ASN A 307 11.51 1.91 34.52
C ASN A 307 10.54 0.83 35.00
N ALA A 308 9.26 1.06 34.71
CA ALA A 308 8.13 0.23 35.23
C ALA A 308 6.93 0.51 34.35
N ASN A 309 6.11 -0.53 34.12
CA ASN A 309 4.85 -0.38 33.38
C ASN A 309 3.69 -1.02 34.15
N ILE A 310 2.52 -0.41 34.06
CA ILE A 310 1.25 -1.02 34.49
C ILE A 310 0.90 -2.08 33.49
N ILE A 311 0.61 -3.29 33.99
CA ILE A 311 0.10 -4.38 33.17
C ILE A 311 -1.35 -4.68 33.65
N MET A 312 -2.29 -4.40 32.76
CA MET A 312 -3.76 -4.46 33.02
C MET A 312 -4.23 -5.51 32.09
N PRO A 313 -4.57 -6.71 32.59
CA PRO A 313 -5.05 -7.75 31.69
C PRO A 313 -6.32 -7.29 30.94
N GLU A 314 -6.40 -7.58 29.65
CA GLU A 314 -7.48 -7.13 28.77
C GLU A 314 -7.78 -8.42 27.94
N PHE A 315 -8.96 -8.63 27.57
CA PHE A 315 -9.53 -9.84 26.93
C PHE A 315 -10.76 -9.36 26.09
N LYS A 325 -9.40 -9.25 37.73
CA LYS A 325 -9.55 -7.94 38.39
C LYS A 325 -8.16 -7.36 38.88
N LYS A 326 -7.18 -8.22 39.01
CA LYS A 326 -5.85 -7.92 39.54
C LYS A 326 -5.05 -7.26 38.41
N SER A 327 -4.31 -6.21 38.73
CA SER A 327 -3.35 -5.64 37.80
C SER A 327 -1.94 -5.76 38.39
N TYR A 328 -0.88 -5.48 37.57
CA TYR A 328 0.49 -5.65 38.01
C TYR A 328 1.27 -4.47 37.60
N ILE A 329 2.37 -4.25 38.30
CA ILE A 329 3.41 -3.41 37.82
C ILE A 329 4.62 -4.29 37.51
N ALA A 330 5.09 -4.22 36.31
CA ALA A 330 6.28 -4.95 35.89
C ALA A 330 7.43 -3.97 35.87
N THR A 331 8.49 -4.29 36.62
CA THR A 331 9.62 -3.36 36.73
C THR A 331 10.94 -4.10 36.81
N GLN A 332 12.03 -3.36 36.66
CA GLN A 332 13.39 -3.90 36.75
C GLN A 332 13.81 -4.00 38.24
N GLY A 333 14.87 -4.73 38.46
CA GLY A 333 15.58 -4.65 39.75
C GLY A 333 16.14 -3.26 40.00
N CYS A 334 15.94 -2.74 41.20
CA CYS A 334 16.46 -1.44 41.61
C CYS A 334 17.94 -1.28 41.35
N LEU A 335 18.30 -0.10 40.97
CA LEU A 335 19.65 0.41 41.06
C LEU A 335 19.77 1.19 42.36
N GLN A 336 21.02 1.44 42.79
CA GLN A 336 21.23 2.18 44.04
C GLN A 336 20.54 3.56 43.97
N ASN A 337 20.57 4.19 42.82
CA ASN A 337 19.95 5.50 42.60
C ASN A 337 18.46 5.46 42.23
N THR A 338 17.81 4.27 42.22
CA THR A 338 16.35 4.22 42.00
C THR A 338 15.60 3.65 43.19
N VAL A 339 16.25 3.28 44.30
CA VAL A 339 15.56 2.65 45.45
C VAL A 339 14.49 3.60 45.98
N ASN A 340 14.84 4.93 46.10
CA ASN A 340 13.87 5.88 46.59
C ASN A 340 12.65 5.95 45.64
N ASP A 341 12.91 5.92 44.33
CA ASP A 341 11.84 5.94 43.30
C ASP A 341 10.92 4.74 43.41
N PHE A 342 11.55 3.57 43.63
CA PHE A 342 10.81 2.32 43.80
C PHE A 342 9.80 2.43 44.96
N TRP A 343 10.24 2.92 46.11
CA TRP A 343 9.35 3.06 47.26
C TRP A 343 8.30 4.14 47.02
N ARG A 344 8.66 5.22 46.29
CA ARG A 344 7.65 6.21 45.87
C ARG A 344 6.53 5.57 45.03
N MET A 345 6.92 4.69 44.09
CA MET A 345 6.02 3.94 43.23
C MET A 345 5.07 3.05 44.10
N VAL A 346 5.64 2.26 44.99
CA VAL A 346 4.87 1.33 45.82
C VAL A 346 3.81 2.09 46.66
N PHE A 347 4.24 3.13 47.32
CA PHE A 347 3.38 4.00 48.12
C PHE A 347 2.25 4.62 47.26
N GLN A 348 2.60 5.29 46.20
CA GLN A 348 1.65 5.97 45.32
C GLN A 348 0.59 5.05 44.71
N GLU A 349 1.01 3.89 44.25
CA GLU A 349 0.10 2.94 43.65
C GLU A 349 -0.71 2.07 44.66
N ASN A 350 -0.48 2.20 45.98
CA ASN A 350 -1.09 1.39 47.00
C ASN A 350 -0.81 -0.08 46.87
N SER A 351 0.37 -0.43 46.31
CA SER A 351 0.73 -1.83 46.18
C SER A 351 1.01 -2.39 47.59
N ARG A 352 0.58 -3.59 47.82
CA ARG A 352 0.74 -4.27 49.10
C ARG A 352 1.47 -5.61 49.01
N VAL A 353 1.80 -6.03 47.78
CA VAL A 353 2.49 -7.24 47.49
C VAL A 353 3.59 -6.96 46.43
N ILE A 354 4.81 -7.35 46.76
CA ILE A 354 5.93 -7.34 45.77
C ILE A 354 6.32 -8.79 45.53
N VAL A 355 6.51 -9.12 44.31
CA VAL A 355 7.10 -10.37 43.85
C VAL A 355 8.51 -10.12 43.29
N MET A 356 9.53 -10.65 43.92
CA MET A 356 10.92 -10.57 43.47
C MET A 356 11.33 -11.92 42.84
N THR A 357 11.77 -11.99 41.59
CA THR A 357 12.07 -13.34 40.99
C THR A 357 13.53 -13.58 40.62
N THR A 358 14.42 -12.89 41.24
CA THR A 358 15.88 -13.16 41.10
C THR A 358 16.52 -13.14 42.48
N LYS A 359 17.66 -13.82 42.66
CA LYS A 359 18.52 -13.48 43.81
C LYS A 359 19.10 -12.08 43.61
N GLU A 360 19.60 -11.46 44.66
CA GLU A 360 20.29 -10.17 44.55
C GLU A 360 21.50 -10.28 43.61
N VAL A 361 22.21 -11.42 43.67
CA VAL A 361 23.42 -11.67 42.88
C VAL A 361 23.29 -13.03 42.26
N GLU A 362 23.48 -13.09 40.93
CA GLU A 362 23.58 -14.35 40.23
C GLU A 362 24.79 -14.30 39.33
N ARG A 363 25.53 -15.38 39.31
CA ARG A 363 26.77 -15.53 38.51
C ARG A 363 27.76 -14.40 38.90
N GLY A 364 27.76 -13.99 40.17
CA GLY A 364 28.64 -12.92 40.62
C GLY A 364 28.27 -11.51 40.21
N LYS A 365 27.18 -11.32 39.48
CA LYS A 365 26.72 -10.00 39.03
C LYS A 365 25.46 -9.56 39.78
N SER A 366 25.32 -8.25 40.06
CA SER A 366 24.15 -7.75 40.78
C SER A 366 22.95 -7.74 39.81
N LYS A 367 21.84 -8.32 40.23
CA LYS A 367 20.61 -8.32 39.45
C LYS A 367 19.53 -7.40 40.07
N CYS A 368 19.58 -7.20 41.40
CA CYS A 368 18.75 -6.22 42.10
C CYS A 368 19.41 -5.82 43.36
N VAL A 369 19.56 -4.53 43.62
CA VAL A 369 20.14 -4.10 44.90
C VAL A 369 19.13 -4.46 46.00
N LYS A 370 19.62 -4.63 47.23
CA LYS A 370 18.79 -4.80 48.37
C LYS A 370 18.13 -3.49 48.64
N TYR A 371 16.85 -3.43 48.50
CA TYR A 371 16.07 -2.21 48.72
C TYR A 371 15.20 -2.27 49.97
N TRP A 372 15.37 -3.31 50.80
CA TRP A 372 14.60 -3.51 52.00
C TRP A 372 15.57 -3.58 53.19
N PRO A 373 15.13 -3.21 54.41
CA PRO A 373 16.01 -3.35 55.55
C PRO A 373 16.26 -4.79 56.00
N ASP A 374 17.36 -5.00 56.78
CA ASP A 374 17.55 -6.27 57.50
C ASP A 374 16.36 -6.58 58.39
N GLU A 375 16.17 -7.88 58.71
CA GLU A 375 15.10 -8.25 59.63
C GLU A 375 15.17 -7.45 60.95
N TYR A 376 14.04 -6.92 61.37
CA TYR A 376 13.84 -6.10 62.56
C TYR A 376 14.33 -4.66 62.43
N ALA A 377 14.94 -4.28 61.34
CA ALA A 377 15.55 -2.97 61.16
C ALA A 377 14.55 -2.01 60.46
N LEU A 378 14.82 -0.71 60.64
CA LEU A 378 14.06 0.37 60.02
C LEU A 378 15.06 1.22 59.19
N LYS A 379 14.70 1.59 57.96
CA LYS A 379 15.49 2.48 57.15
C LYS A 379 14.59 3.51 56.50
N GLU A 380 15.16 4.70 56.22
CA GLU A 380 14.51 5.73 55.43
C GLU A 380 15.12 5.70 54.04
N TYR A 381 14.26 5.71 53.04
CA TYR A 381 14.61 5.76 51.63
C TYR A 381 13.99 7.03 51.11
N GLY A 382 14.72 8.12 51.25
CA GLY A 382 14.19 9.47 51.01
C GLY A 382 13.01 9.77 51.93
N VAL A 383 11.88 10.15 51.35
CA VAL A 383 10.68 10.45 52.12
C VAL A 383 9.95 9.23 52.66
N MET A 384 10.36 7.98 52.28
CA MET A 384 9.64 6.79 52.70
C MET A 384 10.42 6.08 53.81
N ARG A 385 9.75 5.53 54.77
CA ARG A 385 10.32 4.75 55.85
C ARG A 385 9.80 3.34 55.74
N VAL A 386 10.68 2.35 55.85
CA VAL A 386 10.33 0.96 55.80
C VAL A 386 10.88 0.24 57.01
N ARG A 387 10.06 -0.52 57.67
CA ARG A 387 10.41 -1.52 58.71
C ARG A 387 10.32 -2.96 58.19
N ASN A 388 11.34 -3.77 58.40
CA ASN A 388 11.22 -5.22 58.16
C ASN A 388 10.78 -5.88 59.48
N VAL A 389 9.51 -6.18 59.56
CA VAL A 389 8.87 -6.70 60.75
C VAL A 389 9.29 -8.12 61.06
N LYS A 390 9.37 -8.94 60.05
CA LYS A 390 9.62 -10.37 60.18
C LYS A 390 9.84 -10.99 58.83
N GLU A 391 10.80 -11.91 58.76
CA GLU A 391 11.05 -12.74 57.59
C GLU A 391 10.69 -14.18 57.91
N SER A 392 10.07 -14.88 56.94
CA SER A 392 9.63 -16.25 57.09
C SER A 392 10.19 -17.01 55.88
N ALA A 393 11.03 -18.01 56.10
CA ALA A 393 11.67 -18.77 55.01
C ALA A 393 10.90 -20.03 54.64
N ALA A 394 10.57 -20.21 53.37
CA ALA A 394 10.04 -21.44 52.81
C ALA A 394 11.12 -22.07 51.90
N HIS A 395 10.90 -23.28 51.30
CA HIS A 395 11.89 -23.91 50.46
C HIS A 395 12.22 -23.03 49.25
N ASP A 396 11.19 -22.56 48.55
CA ASP A 396 11.43 -21.83 47.31
C ASP A 396 11.53 -20.32 47.46
N TYR A 397 11.07 -19.78 48.58
CA TYR A 397 10.98 -18.34 48.72
C TYR A 397 11.13 -17.89 50.14
N THR A 398 11.46 -16.60 50.33
CA THR A 398 11.38 -15.91 51.59
C THR A 398 10.31 -14.86 51.55
N LEU A 399 9.52 -14.81 52.57
CA LEU A 399 8.55 -13.74 52.76
C LEU A 399 9.08 -12.73 53.74
N ARG A 400 9.07 -11.45 53.36
CA ARG A 400 9.38 -10.36 54.27
C ARG A 400 8.15 -9.49 54.47
N GLU A 401 7.78 -9.35 55.72
CA GLU A 401 6.67 -8.49 56.10
C GLU A 401 7.24 -7.09 56.36
N LEU A 402 6.96 -6.16 55.46
CA LEU A 402 7.49 -4.83 55.51
C LEU A 402 6.38 -3.83 55.94
N LYS A 403 6.73 -2.77 56.63
CA LYS A 403 5.79 -1.69 56.92
C LYS A 403 6.34 -0.44 56.26
N LEU A 404 5.58 0.13 55.35
CA LEU A 404 5.97 1.27 54.55
C LEU A 404 5.09 2.48 55.00
N SER A 405 5.73 3.61 55.23
CA SER A 405 5.04 4.86 55.61
C SER A 405 5.80 6.06 55.05
N LYS A 406 5.15 7.23 55.01
CA LYS A 406 5.81 8.42 54.59
C LYS A 406 6.34 9.11 55.85
N VAL A 407 7.58 9.55 55.84
CA VAL A 407 8.20 10.23 56.95
C VAL A 407 7.30 11.48 57.32
N GLY A 408 7.06 11.70 58.59
CA GLY A 408 6.21 12.80 59.04
C GLY A 408 4.72 12.52 59.04
N GLN A 409 4.28 11.33 58.62
CA GLN A 409 2.84 11.02 58.52
C GLN A 409 2.62 9.57 58.95
N GLY A 410 2.55 9.35 60.25
CA GLY A 410 2.46 7.98 60.79
C GLY A 410 1.20 7.23 60.40
N ASN A 411 0.09 7.97 60.20
CA ASN A 411 -1.15 7.36 59.76
C ASN A 411 -1.15 6.91 58.27
N THR A 412 -0.01 7.00 57.57
CA THR A 412 0.14 6.49 56.20
C THR A 412 0.70 5.07 56.20
N GLU A 413 0.96 4.43 57.35
CA GLU A 413 1.59 3.11 57.35
C GLU A 413 0.65 2.04 56.73
N ARG A 414 1.25 1.19 55.90
CA ARG A 414 0.65 -0.02 55.41
C ARG A 414 1.68 -1.14 55.31
N THR A 415 1.20 -2.38 55.44
CA THR A 415 2.04 -3.55 55.28
C THR A 415 2.21 -3.85 53.81
N VAL A 416 3.46 -4.10 53.42
CA VAL A 416 3.80 -4.57 52.09
C VAL A 416 4.49 -5.91 52.28
N TRP A 417 3.94 -6.94 51.64
CA TRP A 417 4.41 -8.29 51.75
C TRP A 417 5.29 -8.59 50.56
N GLN A 418 6.53 -8.85 50.84
CA GLN A 418 7.52 -9.09 49.80
C GLN A 418 7.80 -10.58 49.70
N TYR A 419 7.42 -11.14 48.61
CA TYR A 419 7.64 -12.55 48.26
C TYR A 419 8.88 -12.70 47.35
N HIS A 420 9.94 -13.21 47.94
CA HIS A 420 11.22 -13.31 47.23
C HIS A 420 11.49 -14.71 46.78
N PHE A 421 11.28 -15.01 45.52
CA PHE A 421 11.45 -16.35 44.96
C PHE A 421 12.98 -16.54 44.75
N ARG A 422 13.57 -17.58 45.36
CA ARG A 422 15.02 -17.71 45.49
C ARG A 422 15.60 -18.88 44.70
N THR A 423 14.79 -19.79 44.18
CA THR A 423 15.28 -21.03 43.56
C THR A 423 15.17 -21.09 42.07
N TRP A 424 14.88 -19.94 41.37
CA TRP A 424 14.79 -20.01 39.93
C TRP A 424 16.21 -20.29 39.38
N PRO A 425 16.41 -21.20 38.43
CA PRO A 425 17.80 -21.50 38.01
C PRO A 425 18.49 -20.29 37.31
N ASP A 426 19.82 -20.18 37.29
CA ASP A 426 20.53 -19.00 36.73
C ASP A 426 20.28 -18.80 35.26
N HIS A 427 20.16 -19.94 34.55
CA HIS A 427 19.79 -20.03 33.14
C HIS A 427 18.59 -21.00 32.97
N GLY A 428 17.75 -20.75 32.00
CA GLY A 428 16.63 -21.63 31.69
C GLY A 428 15.50 -21.46 32.69
N VAL A 429 14.70 -22.48 32.86
CA VAL A 429 13.48 -22.39 33.70
C VAL A 429 13.44 -23.55 34.70
N PRO A 430 12.62 -23.49 35.77
CA PRO A 430 12.48 -24.68 36.62
C PRO A 430 12.06 -25.96 35.87
N SER A 431 12.63 -27.10 36.28
CA SER A 431 12.26 -28.37 35.60
C SER A 431 10.81 -28.79 36.00
N ASP A 432 10.31 -28.34 37.15
CA ASP A 432 8.95 -28.64 37.56
C ASP A 432 8.26 -27.33 38.02
N PRO A 433 7.04 -27.04 37.53
CA PRO A 433 6.37 -25.81 37.89
C PRO A 433 5.69 -25.75 39.26
N GLY A 434 5.69 -26.86 40.04
CA GLY A 434 5.03 -26.86 41.34
C GLY A 434 5.38 -25.76 42.33
N GLY A 435 6.67 -25.45 42.47
CA GLY A 435 7.12 -24.40 43.38
C GLY A 435 6.65 -23.01 42.98
N VAL A 436 6.76 -22.67 41.66
CA VAL A 436 6.21 -21.41 41.16
C VAL A 436 4.70 -21.34 41.44
N LEU A 437 3.97 -22.43 41.17
CA LEU A 437 2.52 -22.43 41.35
C LEU A 437 2.11 -22.28 42.80
N ASP A 438 2.77 -22.99 43.73
CA ASP A 438 2.51 -22.82 45.16
C ASP A 438 2.81 -21.40 45.60
N PHE A 439 3.92 -20.85 45.13
CA PHE A 439 4.28 -19.45 45.41
C PHE A 439 3.20 -18.48 44.91
N LEU A 440 2.81 -18.59 43.64
CA LEU A 440 1.77 -17.72 43.08
C LEU A 440 0.42 -17.88 43.77
N GLU A 441 0.08 -19.11 44.17
CA GLU A 441 -1.15 -19.31 44.95
C GLU A 441 -1.14 -18.52 46.26
N GLU A 442 -0.03 -18.58 47.01
CA GLU A 442 0.15 -17.82 48.22
C GLU A 442 0.08 -16.30 47.99
N VAL A 443 0.82 -15.81 46.98
CA VAL A 443 0.79 -14.40 46.60
C VAL A 443 -0.66 -13.95 46.29
N HIS A 444 -1.36 -14.76 45.50
CA HIS A 444 -2.74 -14.48 45.18
C HIS A 444 -3.63 -14.31 46.40
N HIS A 445 -3.53 -15.25 47.37
CA HIS A 445 -4.39 -15.19 48.55
C HIS A 445 -4.02 -14.01 49.42
N LYS A 446 -2.73 -13.67 49.52
CA LYS A 446 -2.34 -12.46 50.22
C LYS A 446 -2.99 -11.24 49.63
N GLN A 447 -2.85 -11.07 48.33
CA GLN A 447 -3.40 -9.91 47.62
C GLN A 447 -4.95 -9.85 47.82
N GLU A 448 -5.60 -10.98 47.65
CA GLU A 448 -7.05 -11.06 47.80
C GLU A 448 -7.53 -10.73 49.21
N SER A 449 -6.71 -10.94 50.25
CA SER A 449 -7.07 -10.67 51.63
C SER A 449 -7.03 -9.17 52.00
N ILE A 450 -6.53 -8.31 51.12
CA ILE A 450 -6.31 -6.90 51.48
C ILE A 450 -7.24 -6.07 50.65
N MET A 451 -8.26 -5.47 51.32
CA MET A 451 -9.31 -4.71 50.65
C MET A 451 -8.63 -3.54 49.89
N ASP A 452 -9.03 -3.34 48.64
CA ASP A 452 -8.55 -2.21 47.80
C ASP A 452 -7.00 -2.15 47.59
N ALA A 453 -6.26 -3.24 47.84
CA ALA A 453 -4.82 -3.34 47.44
C ALA A 453 -4.62 -2.89 45.96
N GLY A 454 -3.54 -2.18 45.69
CA GLY A 454 -3.23 -1.76 44.35
C GLY A 454 -2.50 -2.88 43.61
N PRO A 455 -1.87 -2.55 42.48
CA PRO A 455 -1.24 -3.60 41.65
C PRO A 455 -0.13 -4.34 42.36
N VAL A 456 0.05 -5.60 42.02
CA VAL A 456 1.09 -6.42 42.55
C VAL A 456 2.36 -6.05 41.78
N VAL A 457 3.41 -5.68 42.48
CA VAL A 457 4.71 -5.34 41.83
C VAL A 457 5.49 -6.62 41.56
N VAL A 458 5.97 -6.80 40.37
CA VAL A 458 6.75 -8.00 39.99
C VAL A 458 8.02 -7.49 39.34
N HIS A 459 9.12 -7.94 39.82
CA HIS A 459 10.43 -7.54 39.23
C HIS A 459 11.41 -8.72 39.23
N CYS A 460 12.30 -8.73 38.22
CA CYS A 460 13.49 -9.58 38.18
C CYS A 460 14.70 -8.62 38.04
N SER A 461 15.53 -8.79 37.05
CA SER A 461 16.69 -8.02 36.67
C SER A 461 16.21 -6.92 35.67
N ALA A 462 15.92 -7.26 34.44
CA ALA A 462 15.47 -6.25 33.45
C ALA A 462 13.94 -6.07 33.53
N GLY A 463 13.20 -6.94 34.25
CA GLY A 463 11.75 -6.86 34.43
C GLY A 463 10.91 -7.26 33.19
N ILE A 464 11.40 -8.17 32.34
CA ILE A 464 10.65 -8.62 31.15
C ILE A 464 10.60 -10.17 31.02
N GLY A 465 11.66 -10.89 31.37
CA GLY A 465 11.72 -12.33 31.14
C GLY A 465 11.00 -13.15 32.19
N ARG A 466 11.64 -13.31 33.34
CA ARG A 466 10.99 -13.96 34.46
C ARG A 466 9.76 -13.22 34.90
N THR A 467 9.83 -11.88 34.92
CA THR A 467 8.72 -11.08 35.34
C THR A 467 7.49 -11.34 34.42
N GLY A 468 7.74 -11.39 33.12
CA GLY A 468 6.65 -11.63 32.18
C GLY A 468 6.08 -13.03 32.37
N THR A 469 6.92 -14.00 32.62
CA THR A 469 6.54 -15.40 32.82
C THR A 469 5.66 -15.56 34.02
N PHE A 470 6.10 -15.03 35.16
CA PHE A 470 5.28 -15.06 36.38
C PHE A 470 3.93 -14.35 36.19
N ILE A 471 3.92 -13.16 35.55
CA ILE A 471 2.68 -12.42 35.39
C ILE A 471 1.72 -13.23 34.45
N VAL A 472 2.21 -13.79 33.34
CA VAL A 472 1.34 -14.52 32.40
C VAL A 472 0.73 -15.76 33.09
N ILE A 473 1.56 -16.53 33.80
CA ILE A 473 1.08 -17.65 34.61
C ILE A 473 -0.01 -17.20 35.56
N ASP A 474 0.24 -16.10 36.29
CA ASP A 474 -0.72 -15.61 37.24
C ASP A 474 -2.06 -15.25 36.59
N ILE A 475 -2.01 -14.57 35.46
CA ILE A 475 -3.19 -14.23 34.69
C ILE A 475 -3.98 -15.49 34.30
N LEU A 476 -3.31 -16.47 33.71
CA LEU A 476 -3.96 -17.66 33.16
C LEU A 476 -4.56 -18.47 34.31
N ILE A 477 -3.82 -18.66 35.37
CA ILE A 477 -4.25 -19.40 36.56
C ILE A 477 -5.47 -18.70 37.24
N ASP A 478 -5.56 -17.37 37.19
CA ASP A 478 -6.65 -16.56 37.77
C ASP A 478 -7.98 -16.79 36.99
N ILE A 479 -7.91 -17.04 35.69
CA ILE A 479 -9.08 -17.36 34.87
C ILE A 479 -9.64 -18.70 35.35
N ILE A 480 -8.77 -19.68 35.45
CA ILE A 480 -9.11 -21.03 35.82
C ILE A 480 -9.56 -21.08 37.28
N ARG A 481 -8.92 -20.35 38.19
CA ARG A 481 -9.34 -20.33 39.60
C ARG A 481 -10.78 -19.78 39.75
N GLU A 482 -11.17 -18.76 38.98
CA GLU A 482 -12.52 -18.20 39.08
C GLU A 482 -13.58 -18.97 38.27
N LYS A 483 -13.24 -19.43 37.05
CA LYS A 483 -14.18 -20.12 36.13
C LYS A 483 -14.12 -21.65 36.19
N GLY A 484 -13.11 -22.21 36.81
CA GLY A 484 -12.86 -23.63 36.78
C GLY A 484 -12.33 -24.09 35.44
N VAL A 485 -12.29 -25.39 35.28
CA VAL A 485 -11.66 -26.04 34.14
C VAL A 485 -12.40 -25.78 32.81
N ASP A 486 -13.68 -25.33 32.83
CA ASP A 486 -14.40 -24.97 31.61
C ASP A 486 -14.36 -23.47 31.35
N CYS A 487 -13.18 -22.99 30.91
CA CYS A 487 -12.93 -21.62 30.47
C CYS A 487 -12.01 -21.71 29.28
N ASP A 488 -12.15 -20.79 28.34
CA ASP A 488 -11.17 -20.67 27.29
C ASP A 488 -9.92 -19.92 27.82
N ILE A 489 -8.76 -20.47 27.49
CA ILE A 489 -7.50 -19.76 27.61
C ILE A 489 -6.81 -19.75 26.25
N ASP A 490 -5.95 -18.76 26.06
CA ASP A 490 -5.19 -18.58 24.84
C ASP A 490 -3.82 -17.99 25.24
N VAL A 491 -2.83 -18.85 25.37
CA VAL A 491 -1.50 -18.49 25.88
C VAL A 491 -0.84 -17.41 25.02
N PRO A 492 -0.65 -17.62 23.69
CA PRO A 492 -0.02 -16.56 22.88
C PRO A 492 -0.81 -15.26 22.84
N LYS A 493 -2.16 -15.32 22.83
CA LYS A 493 -2.93 -14.11 22.76
C LYS A 493 -2.70 -13.27 24.08
N THR A 494 -2.71 -13.92 25.20
CA THR A 494 -2.41 -13.32 26.51
C THR A 494 -1.00 -12.71 26.58
N ILE A 495 0.01 -13.42 26.08
CA ILE A 495 1.37 -12.89 26.00
C ILE A 495 1.39 -11.65 25.13
N GLN A 496 0.71 -11.66 23.96
CA GLN A 496 0.78 -10.54 23.05
C GLN A 496 0.16 -9.32 23.67
N MET A 497 -0.95 -9.50 24.39
CA MET A 497 -1.62 -8.46 25.14
C MET A 497 -0.69 -7.83 26.23
N VAL A 498 0.03 -8.67 26.98
CA VAL A 498 0.98 -8.19 27.97
C VAL A 498 2.20 -7.48 27.30
N ARG A 499 2.75 -8.03 26.18
CA ARG A 499 3.84 -7.42 25.40
C ARG A 499 3.49 -6.10 24.79
N SER A 500 2.17 -5.79 24.61
CA SER A 500 1.72 -4.47 24.22
C SER A 500 1.83 -3.46 25.36
N GLN A 501 2.09 -3.92 26.61
CA GLN A 501 2.16 -3.02 27.77
C GLN A 501 3.56 -2.88 28.33
N ARG A 502 4.48 -3.82 28.05
CA ARG A 502 5.88 -3.66 28.35
C ARG A 502 6.69 -4.55 27.38
N SER A 503 7.81 -4.01 26.89
CA SER A 503 8.58 -4.65 25.83
C SER A 503 9.05 -6.04 26.20
N GLY A 504 8.80 -7.01 25.35
CA GLY A 504 9.50 -8.28 25.41
C GLY A 504 9.04 -9.19 26.55
N MET A 505 7.83 -8.94 27.14
CA MET A 505 7.36 -9.77 28.25
C MET A 505 7.28 -11.26 27.81
N VAL A 506 7.99 -12.15 28.50
CA VAL A 506 8.26 -13.55 28.12
C VAL A 506 9.34 -13.53 27.01
N GLN A 507 10.54 -13.91 27.38
CA GLN A 507 11.75 -13.80 26.56
C GLN A 507 12.06 -15.04 25.70
N THR A 508 11.80 -16.25 26.15
CA THR A 508 12.36 -17.47 25.47
C THR A 508 11.31 -18.53 25.27
N GLU A 509 11.60 -19.42 24.32
CA GLU A 509 10.79 -20.58 24.09
C GLU A 509 10.71 -21.46 25.32
N ALA A 510 11.80 -21.55 26.11
CA ALA A 510 11.80 -22.28 27.37
C ALA A 510 10.72 -21.75 28.39
N GLN A 511 10.60 -20.43 28.52
CA GLN A 511 9.59 -19.79 29.36
C GLN A 511 8.22 -20.01 28.77
N TYR A 512 8.08 -19.90 27.44
CA TYR A 512 6.80 -20.19 26.77
C TYR A 512 6.28 -21.62 27.12
N ARG A 513 7.14 -22.63 26.95
CA ARG A 513 6.79 -23.98 27.33
C ARG A 513 6.49 -24.13 28.81
N PHE A 514 7.24 -23.45 29.66
CA PHE A 514 7.05 -23.49 31.09
C PHE A 514 5.68 -22.94 31.46
N ILE A 515 5.18 -21.89 30.78
CA ILE A 515 3.84 -21.36 30.99
C ILE A 515 2.80 -22.46 30.73
N TYR A 516 2.88 -23.13 29.60
CA TYR A 516 1.98 -24.25 29.29
C TYR A 516 2.07 -25.33 30.34
N MET A 517 3.30 -25.70 30.75
CA MET A 517 3.49 -26.72 31.79
C MET A 517 2.92 -26.32 33.15
N ALA A 518 3.06 -25.05 33.53
CA ALA A 518 2.48 -24.54 34.75
C ALA A 518 0.93 -24.61 34.70
N VAL A 519 0.32 -24.16 33.62
CA VAL A 519 -1.14 -24.25 33.45
C VAL A 519 -1.63 -25.72 33.49
N GLN A 520 -0.92 -26.61 32.81
CA GLN A 520 -1.18 -28.06 32.86
C GLN A 520 -1.14 -28.62 34.27
N HIS A 521 -0.05 -28.32 35.03
CA HIS A 521 0.11 -28.80 36.40
C HIS A 521 -1.03 -28.23 37.27
N TYR A 522 -1.40 -26.95 37.08
CA TYR A 522 -2.44 -26.32 37.88
C TYR A 522 -3.81 -27.02 37.70
N ILE A 523 -4.15 -27.29 36.46
CA ILE A 523 -5.36 -28.03 36.08
C ILE A 523 -5.35 -29.44 36.72
N GLU A 524 -4.24 -30.20 36.55
CA GLU A 524 -4.06 -31.55 37.08
C GLU A 524 -4.21 -31.62 38.60
N THR A 525 -3.71 -30.62 39.35
CA THR A 525 -3.89 -30.60 40.80
C THR A 525 -5.28 -30.14 41.24
N LEU A 526 -6.05 -29.50 40.34
CA LEU A 526 -7.43 -29.10 40.62
C LEU A 526 -8.38 -30.30 40.40
N GLN A 527 -8.05 -31.19 39.43
CA GLN A 527 -8.70 -32.49 39.21
C GLN A 527 -8.30 -33.59 40.22
N ARG A 528 -7.13 -33.49 40.88
CA ARG A 528 -6.78 -34.39 41.96
C ARG A 528 -7.52 -34.00 43.24
N ARG A 529 -7.81 -32.71 43.44
CA ARG A 529 -8.75 -32.26 44.47
C ARG A 529 -10.20 -32.37 43.96
N THR B 3 -5.66 2.45 -11.40
CA THR B 3 -5.00 1.36 -12.13
C THR B 3 -3.54 1.74 -12.49
N SER B 4 -2.77 0.79 -13.06
CA SER B 4 -1.38 0.99 -13.52
C SER B 4 -1.18 0.48 -14.96
N ARG B 5 -0.12 0.99 -15.67
CA ARG B 5 0.13 0.62 -17.09
C ARG B 5 1.54 0.05 -17.31
N ARG B 6 1.97 -0.74 -16.34
CA ARG B 6 3.30 -1.29 -16.31
C ARG B 6 3.55 -2.35 -17.41
N TRP B 7 2.50 -2.91 -17.99
CA TRP B 7 2.63 -3.90 -19.07
C TRP B 7 3.04 -3.30 -20.41
N PHE B 8 3.09 -1.97 -20.55
CA PHE B 8 3.56 -1.36 -21.79
C PHE B 8 5.04 -1.13 -21.67
N HIS B 9 5.82 -1.66 -22.62
CA HIS B 9 7.28 -1.51 -22.62
C HIS B 9 7.67 -0.61 -23.81
N PRO B 10 7.99 0.67 -23.59
CA PRO B 10 8.20 1.58 -24.74
C PRO B 10 9.46 1.34 -25.60
N ASN B 11 10.55 0.75 -25.05
CA ASN B 11 11.84 0.66 -25.76
C ASN B 11 12.35 -0.78 -25.78
N ILE B 12 11.52 -1.70 -26.25
CA ILE B 12 11.86 -3.13 -26.24
C ILE B 12 11.76 -3.60 -27.70
N THR B 13 12.64 -4.50 -28.14
CA THR B 13 12.47 -5.17 -29.44
C THR B 13 11.60 -6.44 -29.27
N GLY B 14 11.14 -7.01 -30.38
CA GLY B 14 10.42 -8.26 -30.39
C GLY B 14 11.16 -9.40 -29.75
N VAL B 15 12.49 -9.52 -30.02
CA VAL B 15 13.30 -10.58 -29.43
C VAL B 15 13.53 -10.33 -27.94
N GLU B 16 13.74 -9.06 -27.52
CA GLU B 16 13.76 -8.74 -26.08
C GLU B 16 12.44 -9.11 -25.40
N ALA B 17 11.30 -8.85 -26.06
CA ALA B 17 9.97 -9.20 -25.52
C ALA B 17 9.82 -10.71 -25.37
N GLU B 18 10.23 -11.49 -26.39
CA GLU B 18 10.19 -12.96 -26.28
C GLU B 18 11.03 -13.44 -25.13
N ASN B 19 12.26 -12.90 -24.99
CA ASN B 19 13.15 -13.37 -23.92
C ASN B 19 12.64 -12.99 -22.52
N LEU B 20 12.04 -11.80 -22.37
CA LEU B 20 11.44 -11.42 -21.09
C LEU B 20 10.31 -12.36 -20.69
N LEU B 21 9.48 -12.69 -21.66
CA LEU B 21 8.32 -13.50 -21.39
C LEU B 21 8.72 -14.96 -21.11
N LEU B 22 9.74 -15.46 -21.78
CA LEU B 22 10.22 -16.83 -21.54
C LEU B 22 11.08 -16.95 -20.29
N THR B 23 11.86 -15.93 -19.90
CA THR B 23 12.67 -16.02 -18.67
C THR B 23 11.96 -15.50 -17.40
N ARG B 24 11.19 -14.40 -17.52
CA ARG B 24 10.55 -13.77 -16.37
C ARG B 24 9.01 -13.96 -16.30
N GLY B 25 8.42 -14.51 -17.35
CA GLY B 25 6.99 -14.78 -17.39
C GLY B 25 6.63 -16.25 -17.29
N VAL B 26 5.34 -16.50 -17.20
CA VAL B 26 4.74 -17.82 -17.26
C VAL B 26 3.66 -17.82 -18.35
N ASP B 27 3.00 -18.99 -18.61
CA ASP B 27 1.85 -18.97 -19.54
C ASP B 27 0.75 -18.05 -18.99
N GLY B 28 0.23 -17.18 -19.87
CA GLY B 28 -0.66 -16.10 -19.50
C GLY B 28 0.03 -14.77 -19.31
N SER B 29 1.39 -14.73 -19.27
CA SER B 29 2.08 -13.46 -19.21
C SER B 29 1.93 -12.73 -20.53
N PHE B 30 1.95 -11.40 -20.43
CA PHE B 30 1.80 -10.56 -21.61
C PHE B 30 2.40 -9.19 -21.38
N LEU B 31 2.69 -8.55 -22.49
CA LEU B 31 3.16 -7.19 -22.53
C LEU B 31 2.68 -6.57 -23.84
N ALA B 32 2.67 -5.26 -23.89
CA ALA B 32 2.44 -4.57 -25.15
C ALA B 32 3.63 -3.64 -25.42
N ARG B 33 3.84 -3.27 -26.67
CA ARG B 33 5.01 -2.50 -27.06
C ARG B 33 4.78 -1.78 -28.36
N PRO B 34 5.54 -0.70 -28.64
CA PRO B 34 5.46 -0.12 -29.99
C PRO B 34 6.08 -1.03 -31.03
N SER B 35 5.50 -1.05 -32.22
CA SER B 35 5.99 -1.88 -33.30
C SER B 35 7.24 -1.24 -33.90
N LYS B 36 8.33 -1.98 -33.88
CA LYS B 36 9.58 -1.55 -34.55
C LYS B 36 9.41 -1.71 -36.08
N SER B 37 8.72 -2.79 -36.53
CA SER B 37 8.37 -3.03 -37.93
C SER B 37 7.43 -1.96 -38.58
N ASN B 38 6.10 -1.88 -38.23
CA ASN B 38 5.21 -0.84 -38.78
C ASN B 38 5.19 0.34 -37.81
N PRO B 39 6.03 1.38 -38.04
CA PRO B 39 6.07 2.48 -37.08
C PRO B 39 4.73 3.20 -36.97
N GLY B 40 4.30 3.47 -35.74
CA GLY B 40 2.96 3.95 -35.41
C GLY B 40 1.96 2.89 -34.99
N ASP B 41 2.33 1.59 -35.08
CA ASP B 41 1.47 0.48 -34.66
C ASP B 41 2.07 -0.20 -33.39
N PHE B 42 1.47 -1.27 -32.88
CA PHE B 42 1.81 -1.83 -31.59
C PHE B 42 1.71 -3.34 -31.67
N THR B 43 2.29 -4.02 -30.71
CA THR B 43 2.20 -5.47 -30.64
C THR B 43 1.85 -5.87 -29.24
N LEU B 44 0.86 -6.76 -29.11
CA LEU B 44 0.61 -7.50 -27.87
C LEU B 44 1.39 -8.84 -27.94
N SER B 45 2.35 -9.05 -27.03
CA SER B 45 3.14 -10.27 -27.00
C SER B 45 2.69 -11.08 -25.77
N VAL B 46 2.30 -12.35 -26.00
CA VAL B 46 1.67 -13.20 -25.02
C VAL B 46 2.33 -14.61 -24.98
N ARG B 47 2.64 -15.08 -23.79
CA ARG B 47 3.12 -16.45 -23.58
C ARG B 47 1.96 -17.42 -23.44
N ARG B 48 1.96 -18.50 -24.22
CA ARG B 48 0.98 -19.58 -24.13
C ARG B 48 1.66 -20.90 -24.53
N ASN B 49 1.38 -21.99 -23.81
CA ASN B 49 2.04 -23.32 -24.00
C ASN B 49 3.59 -23.23 -24.11
N GLY B 50 4.23 -22.44 -23.27
CA GLY B 50 5.68 -22.30 -23.27
C GLY B 50 6.29 -21.55 -24.46
N ALA B 51 5.44 -20.94 -25.32
CA ALA B 51 5.89 -20.21 -26.51
C ALA B 51 5.28 -18.77 -26.51
N VAL B 52 5.86 -17.84 -27.30
CA VAL B 52 5.39 -16.48 -27.36
C VAL B 52 4.72 -16.18 -28.68
N THR B 53 3.45 -15.74 -28.66
CA THR B 53 2.77 -15.23 -29.82
C THR B 53 2.74 -13.68 -29.85
N HIS B 54 2.76 -13.10 -31.04
CA HIS B 54 2.73 -11.65 -31.21
C HIS B 54 1.47 -11.32 -31.99
N ILE B 55 0.65 -10.37 -31.50
CA ILE B 55 -0.62 -10.00 -32.12
C ILE B 55 -0.54 -8.53 -32.44
N LYS B 56 -0.78 -8.17 -33.69
CA LYS B 56 -0.62 -6.83 -34.15
C LYS B 56 -1.85 -5.99 -33.76
N ILE B 57 -1.59 -4.77 -33.38
CA ILE B 57 -2.59 -3.76 -33.07
C ILE B 57 -2.26 -2.57 -33.93
N GLN B 58 -3.15 -2.22 -34.85
CA GLN B 58 -2.96 -1.11 -35.75
C GLN B 58 -3.77 0.11 -35.26
N ASN B 59 -3.19 1.29 -35.32
CA ASN B 59 -3.95 2.54 -35.16
C ASN B 59 -3.64 3.55 -36.27
N THR B 60 -4.56 3.75 -37.22
CA THR B 60 -4.40 4.76 -38.29
C THR B 60 -4.91 6.18 -37.91
N GLY B 61 -5.44 6.33 -36.70
CA GLY B 61 -6.00 7.60 -36.28
C GLY B 61 -7.40 7.52 -35.72
N ASP B 62 -8.13 6.41 -35.89
CA ASP B 62 -9.53 6.35 -35.45
C ASP B 62 -9.80 5.46 -34.24
N TYR B 63 -8.98 4.46 -34.05
CA TYR B 63 -9.15 3.47 -32.98
C TYR B 63 -7.97 2.45 -33.04
N TYR B 64 -7.76 1.74 -31.96
CA TYR B 64 -6.86 0.59 -31.91
C TYR B 64 -7.58 -0.63 -32.41
N ASP B 65 -7.03 -1.29 -33.40
CA ASP B 65 -7.68 -2.41 -34.08
C ASP B 65 -6.80 -3.64 -33.80
N LEU B 66 -7.24 -4.44 -32.85
CA LEU B 66 -6.56 -5.68 -32.51
C LEU B 66 -6.86 -6.70 -33.63
N TYR B 67 -5.81 -7.17 -34.30
CA TYR B 67 -5.99 -8.21 -35.34
C TYR B 67 -6.60 -9.49 -34.74
N GLY B 68 -7.70 -9.93 -35.32
CA GLY B 68 -8.51 -11.04 -34.80
C GLY B 68 -9.18 -10.80 -33.47
N GLY B 69 -9.37 -9.53 -33.14
CA GLY B 69 -10.09 -9.11 -31.96
C GLY B 69 -10.95 -7.94 -32.34
N GLU B 70 -11.12 -7.05 -31.39
CA GLU B 70 -12.05 -5.96 -31.54
C GLU B 70 -11.28 -4.64 -31.61
N LYS B 71 -12.03 -3.54 -31.70
CA LYS B 71 -11.53 -2.18 -31.82
C LYS B 71 -11.73 -1.47 -30.48
N PHE B 72 -10.73 -0.73 -30.05
CA PHE B 72 -10.73 -0.11 -28.73
C PHE B 72 -10.28 1.34 -28.76
N ALA B 73 -10.70 2.12 -27.75
CA ALA B 73 -10.31 3.53 -27.61
C ALA B 73 -8.91 3.74 -27.04
N THR B 74 -8.46 2.86 -26.15
CA THR B 74 -7.12 2.93 -25.55
C THR B 74 -6.57 1.50 -25.37
N LEU B 75 -5.28 1.36 -25.32
CA LEU B 75 -4.70 0.04 -24.99
C LEU B 75 -5.08 -0.39 -23.58
N ALA B 76 -5.21 0.55 -22.63
CA ALA B 76 -5.64 0.16 -21.28
C ALA B 76 -7.06 -0.44 -21.30
N GLU B 77 -8.00 0.16 -22.07
CA GLU B 77 -9.34 -0.40 -22.23
C GLU B 77 -9.31 -1.76 -22.91
N LEU B 78 -8.39 -1.96 -23.88
CA LEU B 78 -8.19 -3.24 -24.56
C LEU B 78 -7.75 -4.30 -23.52
N VAL B 79 -6.73 -3.99 -22.73
CA VAL B 79 -6.21 -4.94 -21.75
C VAL B 79 -7.27 -5.24 -20.70
N GLN B 80 -7.98 -4.21 -20.20
CA GLN B 80 -9.05 -4.40 -19.21
C GLN B 80 -10.13 -5.32 -19.76
N TYR B 81 -10.51 -5.14 -21.02
CA TYR B 81 -11.45 -6.01 -21.70
C TYR B 81 -11.03 -7.51 -21.77
N TYR B 82 -9.85 -7.82 -22.33
CA TYR B 82 -9.44 -9.21 -22.40
C TYR B 82 -9.04 -9.80 -20.96
N MET B 83 -8.54 -9.01 -19.99
CA MET B 83 -8.27 -9.47 -18.61
C MET B 83 -9.55 -9.71 -17.77
N GLU B 84 -10.71 -9.23 -18.24
CA GLU B 84 -11.99 -9.46 -17.55
C GLU B 84 -12.98 -10.25 -18.44
N HIS B 85 -12.49 -10.93 -19.52
CA HIS B 85 -13.27 -11.75 -20.48
C HIS B 85 -12.44 -12.96 -20.89
N GLN B 88 -13.47 -12.63 -25.77
CA GLN B 88 -12.33 -13.51 -25.55
C GLN B 88 -11.40 -13.46 -26.76
N LEU B 89 -10.08 -13.48 -26.51
CA LEU B 89 -9.09 -13.24 -27.53
C LEU B 89 -8.67 -14.53 -28.23
N LYS B 90 -8.56 -14.51 -29.58
CA LYS B 90 -8.23 -15.69 -30.36
C LYS B 90 -7.15 -15.41 -31.38
N GLY B 94 -7.84 -19.64 -34.61
CA GLY B 94 -9.02 -19.46 -33.78
C GLY B 94 -8.85 -19.87 -32.32
N ASP B 95 -7.62 -20.23 -31.90
CA ASP B 95 -7.40 -20.72 -30.53
C ASP B 95 -7.43 -19.59 -29.52
N VAL B 96 -7.88 -19.87 -28.29
CA VAL B 96 -7.98 -18.84 -27.27
C VAL B 96 -6.62 -18.53 -26.65
N ILE B 97 -6.42 -17.24 -26.42
CA ILE B 97 -5.21 -16.64 -25.93
C ILE B 97 -5.66 -15.96 -24.66
N GLU B 98 -5.11 -16.37 -23.51
CA GLU B 98 -5.49 -15.75 -22.24
C GLU B 98 -4.47 -14.66 -21.85
N LEU B 99 -4.96 -13.44 -21.49
CA LEU B 99 -4.11 -12.42 -20.90
C LEU B 99 -4.33 -12.54 -19.42
N LYS B 100 -3.37 -13.13 -18.69
CA LYS B 100 -3.53 -13.33 -17.24
C LYS B 100 -2.62 -12.41 -16.42
N TYR B 101 -1.31 -12.35 -16.75
CA TYR B 101 -0.27 -11.77 -15.92
C TYR B 101 0.49 -10.68 -16.65
N PRO B 102 0.22 -9.39 -16.37
CA PRO B 102 1.04 -8.33 -16.99
C PRO B 102 2.50 -8.52 -16.61
N LEU B 103 3.39 -8.34 -17.57
CA LEU B 103 4.81 -8.44 -17.33
C LEU B 103 5.27 -7.00 -17.23
N ASN B 104 5.61 -6.56 -16.01
CA ASN B 104 5.88 -5.16 -15.75
C ASN B 104 7.24 -4.69 -16.29
N CYS B 105 7.23 -3.46 -16.77
CA CYS B 105 8.36 -2.77 -17.30
C CYS B 105 9.05 -1.93 -16.21
N ALA B 106 10.38 -1.93 -16.16
CA ALA B 106 11.15 -1.17 -15.16
C ALA B 106 11.66 0.16 -15.71
N ASP B 107 11.64 0.33 -17.06
CA ASP B 107 12.12 1.52 -17.76
C ASP B 107 11.37 2.76 -17.24
N PRO B 108 12.06 3.75 -16.68
CA PRO B 108 11.37 4.98 -16.22
C PRO B 108 11.08 6.08 -17.25
N THR B 109 11.47 5.87 -18.51
CA THR B 109 11.44 6.97 -19.49
C THR B 109 10.07 7.60 -19.75
N SER B 110 8.94 6.88 -19.57
CA SER B 110 7.61 7.47 -19.80
C SER B 110 6.91 7.94 -18.54
N GLU B 111 7.69 8.12 -17.41
CA GLU B 111 7.11 8.66 -16.21
C GLU B 111 7.26 10.13 -16.26
N ARG B 112 6.22 10.88 -15.89
CA ARG B 112 6.29 12.35 -15.93
C ARG B 112 7.41 12.93 -15.08
N TRP B 113 7.68 12.26 -13.96
CA TRP B 113 8.71 12.71 -13.01
C TRP B 113 10.15 12.39 -13.46
N PHE B 114 10.34 11.57 -14.50
CA PHE B 114 11.66 11.23 -14.97
C PHE B 114 12.28 12.22 -15.97
N HIS B 115 13.43 12.82 -15.61
CA HIS B 115 14.15 13.72 -16.50
C HIS B 115 15.58 13.26 -16.52
N GLY B 116 15.88 12.24 -17.33
CA GLY B 116 17.16 11.55 -17.30
C GLY B 116 18.39 12.44 -17.25
N HIS B 117 18.73 13.16 -18.33
CA HIS B 117 20.03 13.83 -18.41
C HIS B 117 20.09 15.21 -17.68
N LEU B 118 19.01 15.62 -17.03
CA LEU B 118 18.98 16.88 -16.27
C LEU B 118 20.13 16.99 -15.23
N SER B 119 20.92 18.10 -15.26
CA SER B 119 21.94 18.36 -14.23
C SER B 119 21.28 18.83 -12.94
N GLY B 120 22.04 18.84 -11.86
CA GLY B 120 21.52 19.26 -10.56
C GLY B 120 21.20 20.73 -10.46
N LYS B 121 21.91 21.58 -11.23
CA LYS B 121 21.66 23.02 -11.15
C LYS B 121 20.43 23.31 -12.02
N GLU B 122 20.29 22.66 -13.19
CA GLU B 122 19.05 22.79 -13.98
C GLU B 122 17.79 22.38 -13.17
N ALA B 123 17.85 21.23 -12.43
CA ALA B 123 16.72 20.77 -11.63
C ALA B 123 16.34 21.75 -10.54
N GLU B 124 17.33 22.40 -9.92
CA GLU B 124 17.05 23.38 -8.89
C GLU B 124 16.37 24.60 -9.49
N LYS B 125 16.79 25.00 -10.68
CA LYS B 125 16.27 26.21 -11.29
C LYS B 125 14.83 25.95 -11.71
N LEU B 126 14.58 24.81 -12.34
CA LEU B 126 13.21 24.43 -12.78
C LEU B 126 12.28 24.33 -11.59
N LEU B 127 12.67 23.62 -10.51
CA LEU B 127 11.83 23.52 -9.34
C LEU B 127 11.59 24.88 -8.68
N THR B 128 12.59 25.75 -8.68
CA THR B 128 12.44 27.11 -8.14
C THR B 128 11.48 27.99 -8.97
N GLU B 129 11.61 27.98 -10.28
CA GLU B 129 10.79 28.83 -11.17
C GLU B 129 9.38 28.27 -11.43
N LYS B 130 9.30 26.97 -11.79
CA LYS B 130 8.08 26.29 -12.22
C LYS B 130 7.39 25.51 -11.09
N GLY B 131 8.15 25.09 -10.08
CA GLY B 131 7.65 24.15 -9.10
C GLY B 131 6.86 24.78 -7.98
N LYS B 132 6.27 23.92 -7.17
CA LYS B 132 5.34 24.22 -6.10
C LYS B 132 5.68 23.26 -4.92
N HIS B 133 5.05 23.41 -3.73
CA HIS B 133 5.26 22.44 -2.64
C HIS B 133 4.86 21.02 -3.11
N GLY B 134 5.75 20.08 -2.89
CA GLY B 134 5.56 18.70 -3.26
C GLY B 134 5.90 18.36 -4.70
N SER B 135 6.34 19.35 -5.50
CA SER B 135 6.82 19.07 -6.86
C SER B 135 8.15 18.34 -6.84
N PHE B 136 8.26 17.28 -7.63
CA PHE B 136 9.46 16.47 -7.66
C PHE B 136 9.85 15.98 -9.05
N LEU B 137 11.08 15.49 -9.15
CA LEU B 137 11.61 14.84 -10.33
C LEU B 137 12.75 13.88 -9.93
N VAL B 138 13.09 12.97 -10.84
CA VAL B 138 14.18 12.00 -10.68
C VAL B 138 15.05 12.25 -11.91
N ARG B 139 16.34 12.38 -11.70
CA ARG B 139 17.34 12.58 -12.73
C ARG B 139 18.51 11.66 -12.51
N GLU B 140 19.27 11.40 -13.56
CA GLU B 140 20.50 10.65 -13.45
C GLU B 140 21.55 11.46 -12.64
N SER B 141 22.27 10.73 -11.76
CA SER B 141 23.41 11.27 -11.10
C SER B 141 24.52 11.34 -12.16
N GLN B 142 25.13 12.44 -12.13
CA GLN B 142 26.33 12.89 -12.85
C GLN B 142 27.60 12.65 -12.00
N SER B 143 27.56 12.89 -10.67
CA SER B 143 28.70 12.60 -9.81
C SER B 143 28.92 11.08 -9.60
N HIS B 144 27.84 10.34 -9.38
CA HIS B 144 27.89 8.92 -9.13
C HIS B 144 27.19 8.21 -10.30
N PRO B 145 27.87 7.99 -11.46
CA PRO B 145 27.14 7.45 -12.63
C PRO B 145 26.43 6.14 -12.38
N GLY B 146 25.28 5.95 -13.02
CA GLY B 146 24.40 4.81 -12.80
C GLY B 146 23.41 4.99 -11.67
N ASP B 147 23.70 5.89 -10.73
CA ASP B 147 22.79 6.25 -9.66
C ASP B 147 21.84 7.36 -10.12
N PHE B 148 20.86 7.70 -9.28
CA PHE B 148 19.88 8.72 -9.61
C PHE B 148 19.72 9.72 -8.47
N VAL B 149 19.05 10.86 -8.68
CA VAL B 149 18.70 11.78 -7.61
C VAL B 149 17.24 12.11 -7.66
N LEU B 150 16.58 12.06 -6.52
CA LEU B 150 15.23 12.57 -6.37
C LEU B 150 15.36 14.02 -5.85
N SER B 151 14.88 15.00 -6.64
CA SER B 151 14.82 16.38 -6.21
C SER B 151 13.40 16.79 -5.89
N VAL B 152 13.16 17.32 -4.69
CA VAL B 152 11.81 17.66 -4.23
C VAL B 152 11.78 19.08 -3.71
N ARG B 153 10.75 19.85 -4.06
CA ARG B 153 10.51 21.18 -3.49
C ARG B 153 9.49 21.04 -2.36
N THR B 154 9.75 21.65 -1.20
CA THR B 154 8.83 21.75 -0.07
C THR B 154 8.76 23.21 0.40
N GLY B 155 7.61 23.62 0.93
CA GLY B 155 7.47 24.98 1.42
C GLY B 155 6.06 25.53 1.49
N ASP B 156 6.00 26.83 1.74
CA ASP B 156 4.77 27.61 1.82
C ASP B 156 4.52 28.22 0.45
N ASP B 157 3.34 27.92 -0.13
CA ASP B 157 2.88 28.42 -1.44
C ASP B 157 3.66 27.72 -2.59
N SER B 161 7.67 35.60 -3.18
CA SER B 161 9.07 36.01 -3.05
C SER B 161 9.94 34.85 -2.58
N ASN B 162 11.22 34.85 -2.97
CA ASN B 162 12.20 33.88 -2.46
C ASN B 162 12.68 34.32 -1.07
N ASP B 163 11.85 34.03 -0.06
CA ASP B 163 12.09 34.43 1.33
C ASP B 163 12.47 33.26 2.26
N GLY B 164 13.00 32.17 1.69
CA GLY B 164 13.43 31.01 2.47
C GLY B 164 12.33 30.15 3.06
N LYS B 165 11.05 30.49 2.78
CA LYS B 165 9.92 29.69 3.24
C LYS B 165 9.79 28.36 2.43
N SER B 166 10.45 28.25 1.26
CA SER B 166 10.52 27.01 0.50
C SER B 166 11.99 26.65 0.23
N LYS B 167 12.23 25.39 -0.15
CA LYS B 167 13.54 24.84 -0.42
C LYS B 167 13.45 23.63 -1.35
N VAL B 168 14.55 23.29 -2.04
CA VAL B 168 14.72 22.01 -2.76
C VAL B 168 15.63 21.08 -1.93
N THR B 169 15.24 19.79 -1.80
CA THR B 169 16.04 18.74 -1.17
C THR B 169 16.35 17.70 -2.21
N HIS B 170 17.61 17.27 -2.24
CA HIS B 170 18.08 16.19 -3.09
C HIS B 170 18.28 14.94 -2.26
N VAL B 171 17.76 13.82 -2.75
CA VAL B 171 17.86 12.50 -2.14
C VAL B 171 18.54 11.60 -3.14
N MET B 172 19.73 11.14 -2.80
CA MET B 172 20.47 10.20 -3.63
C MET B 172 19.79 8.84 -3.68
N ILE B 173 19.72 8.26 -4.89
CA ILE B 173 19.13 6.95 -5.12
C ILE B 173 20.26 6.11 -5.67
N ARG B 174 20.66 5.09 -4.91
CA ARG B 174 21.66 4.14 -5.40
C ARG B 174 21.03 3.08 -6.21
N CYS B 175 21.75 2.64 -7.25
CA CYS B 175 21.40 1.48 -8.05
C CYS B 175 22.46 0.45 -7.77
N GLN B 176 22.04 -0.63 -7.09
CA GLN B 176 22.92 -1.70 -6.70
C GLN B 176 22.28 -2.99 -7.22
N GLU B 177 22.82 -3.53 -8.33
CA GLU B 177 22.35 -4.79 -8.94
C GLU B 177 20.96 -4.63 -9.53
N LEU B 178 20.71 -3.53 -10.21
CA LEU B 178 19.41 -3.15 -10.75
C LEU B 178 18.28 -3.22 -9.72
N LYS B 179 18.62 -2.98 -8.44
CA LYS B 179 17.64 -2.58 -7.48
C LYS B 179 18.02 -1.21 -6.98
N TYR B 180 17.02 -0.45 -6.54
CA TYR B 180 17.15 0.97 -6.22
C TYR B 180 16.82 1.22 -4.75
N ASP B 181 17.58 2.10 -4.13
CA ASP B 181 17.34 2.46 -2.73
C ASP B 181 17.79 3.86 -2.37
N VAL B 182 17.21 4.42 -1.31
CA VAL B 182 17.56 5.74 -0.78
C VAL B 182 18.63 5.68 0.35
N GLY B 183 19.48 4.65 0.33
CA GLY B 183 20.56 4.49 1.31
C GLY B 183 20.25 3.58 2.48
N GLY B 184 19.05 3.02 2.50
CA GLY B 184 18.56 2.23 3.61
C GLY B 184 17.15 1.75 3.36
N GLY B 185 16.74 0.72 4.09
CA GLY B 185 15.40 0.17 4.00
C GLY B 185 15.24 -0.79 2.85
N GLU B 186 14.11 -0.66 2.15
CA GLU B 186 13.71 -1.53 1.05
C GLU B 186 14.50 -1.22 -0.23
N ARG B 187 14.76 -2.27 -1.02
CA ARG B 187 15.42 -2.20 -2.30
C ARG B 187 14.39 -2.57 -3.39
N PHE B 188 14.23 -1.71 -4.33
CA PHE B 188 13.09 -1.76 -5.27
C PHE B 188 13.53 -2.27 -6.64
N ASP B 189 12.62 -2.99 -7.33
CA ASP B 189 12.93 -3.50 -8.65
C ASP B 189 13.03 -2.40 -9.73
N SER B 190 12.49 -1.21 -9.44
CA SER B 190 12.50 -0.11 -10.40
C SER B 190 12.36 1.23 -9.69
N LEU B 191 12.75 2.31 -10.36
CA LEU B 191 12.49 3.64 -9.87
C LEU B 191 11.01 3.92 -9.67
N THR B 192 10.12 3.33 -10.52
CA THR B 192 8.69 3.57 -10.36
C THR B 192 8.19 3.01 -9.05
N ASP B 193 8.61 1.80 -8.71
CA ASP B 193 8.26 1.17 -7.43
C ASP B 193 8.77 2.00 -6.28
N LEU B 194 9.99 2.54 -6.41
CA LEU B 194 10.56 3.37 -5.35
C LEU B 194 9.75 4.64 -5.18
N VAL B 195 9.46 5.37 -6.28
CA VAL B 195 8.70 6.61 -6.20
C VAL B 195 7.31 6.35 -5.66
N GLU B 196 6.64 5.26 -6.12
CA GLU B 196 5.30 4.93 -5.64
C GLU B 196 5.30 4.64 -4.16
N HIS B 197 6.33 3.91 -3.70
CA HIS B 197 6.48 3.67 -2.27
C HIS B 197 6.63 4.95 -1.48
N TYR B 198 7.52 5.87 -1.90
CA TYR B 198 7.76 7.09 -1.11
C TYR B 198 6.68 8.16 -1.38
N LYS B 199 5.82 8.02 -2.42
CA LYS B 199 4.60 8.83 -2.57
C LYS B 199 3.57 8.51 -1.45
N LYS B 200 3.40 7.23 -1.13
CA LYS B 200 2.43 6.81 -0.12
C LYS B 200 3.03 6.95 1.26
N ASN B 201 4.35 6.63 1.41
CA ASN B 201 5.06 6.67 2.70
C ASN B 201 6.20 7.69 2.62
N PRO B 202 5.89 9.00 2.68
CA PRO B 202 6.95 9.99 2.44
C PRO B 202 8.09 9.96 3.45
N MET B 203 9.29 10.24 2.95
CA MET B 203 10.46 10.41 3.80
C MET B 203 10.26 11.61 4.73
N VAL B 204 10.77 11.51 5.98
CA VAL B 204 10.74 12.60 6.93
C VAL B 204 12.18 12.89 7.32
N GLU B 205 12.57 14.15 7.24
CA GLU B 205 13.88 14.61 7.69
C GLU B 205 13.96 14.54 9.22
N THR B 206 15.19 14.52 9.81
CA THR B 206 15.31 14.35 11.26
C THR B 206 14.61 15.49 12.00
N LEU B 207 14.72 16.72 11.47
CA LEU B 207 14.05 17.85 12.07
C LEU B 207 12.60 18.05 11.63
N GLY B 208 12.01 17.07 10.95
CA GLY B 208 10.57 17.00 10.79
C GLY B 208 9.99 17.25 9.41
N THR B 209 10.75 17.85 8.46
CA THR B 209 10.21 18.18 7.15
C THR B 209 9.77 16.88 6.43
N VAL B 210 8.54 16.87 5.93
CA VAL B 210 8.02 15.70 5.19
C VAL B 210 8.27 15.95 3.71
N LEU B 211 9.06 15.08 3.07
CA LEU B 211 9.36 15.23 1.65
C LEU B 211 8.24 14.59 0.85
N GLN B 212 7.12 15.33 0.77
CA GLN B 212 5.90 14.85 0.14
C GLN B 212 6.09 14.96 -1.35
N LEU B 213 5.88 13.84 -2.06
CA LEU B 213 5.92 13.76 -3.50
C LEU B 213 4.48 13.88 -4.00
N LYS B 214 4.03 15.11 -4.21
CA LYS B 214 2.64 15.44 -4.43
C LYS B 214 2.33 15.41 -5.93
N GLN B 215 3.19 16.02 -6.75
CA GLN B 215 2.99 16.00 -8.20
C GLN B 215 4.32 16.09 -8.93
N PRO B 216 4.50 15.43 -10.09
CA PRO B 216 5.70 15.67 -10.90
C PRO B 216 5.82 17.14 -11.26
N LEU B 217 7.06 17.59 -11.48
CA LEU B 217 7.29 18.92 -11.98
C LEU B 217 6.65 19.08 -13.36
N ASN B 218 5.94 20.19 -13.59
CA ASN B 218 5.32 20.42 -14.90
C ASN B 218 6.30 21.13 -15.78
N THR B 219 6.78 20.47 -16.86
CA THR B 219 7.61 21.08 -17.87
C THR B 219 6.95 21.28 -19.22
N THR B 220 5.66 20.92 -19.34
CA THR B 220 4.97 21.00 -20.63
C THR B 220 4.18 22.31 -20.78
N ARG B 221 3.76 22.94 -19.66
CA ARG B 221 3.14 24.24 -19.72
C ARG B 221 4.13 25.27 -20.25
N ILE B 222 3.79 25.94 -21.33
CA ILE B 222 4.63 26.91 -22.03
C ILE B 222 3.84 28.17 -22.26
N ASN B 223 4.54 29.29 -22.41
CA ASN B 223 3.90 30.51 -22.91
C ASN B 223 3.67 30.30 -24.40
N ALA B 224 2.50 30.67 -24.90
CA ALA B 224 2.19 30.48 -26.33
C ALA B 224 3.21 31.08 -27.28
N ALA B 225 3.86 32.19 -26.88
CA ALA B 225 4.94 32.80 -27.65
C ALA B 225 6.19 31.90 -27.79
N GLU B 226 6.43 31.01 -26.83
CA GLU B 226 7.56 30.05 -26.82
C GLU B 226 7.25 28.78 -27.67
N ILE B 227 6.10 28.72 -28.40
CA ILE B 227 5.67 27.49 -29.08
C ILE B 227 6.71 27.01 -30.08
N GLU B 228 7.20 27.92 -30.93
CA GLU B 228 8.15 27.57 -31.98
C GLU B 228 9.42 26.95 -31.40
N SER B 229 9.96 27.51 -30.29
CA SER B 229 11.11 26.92 -29.62
C SER B 229 10.79 25.55 -29.10
N ARG B 230 9.60 25.38 -28.50
CA ARG B 230 9.21 24.09 -27.94
C ARG B 230 9.11 23.03 -29.05
N VAL B 231 8.47 23.37 -30.19
CA VAL B 231 8.37 22.48 -31.35
C VAL B 231 9.78 22.08 -31.82
N ARG B 232 10.69 23.05 -31.95
CA ARG B 232 12.09 22.79 -32.26
C ARG B 232 12.76 21.83 -31.27
N GLU B 233 12.59 22.04 -29.92
CA GLU B 233 13.07 21.14 -28.87
C GLU B 233 12.51 19.72 -29.06
N LEU B 234 11.17 19.58 -29.29
CA LEU B 234 10.53 18.27 -29.44
C LEU B 234 10.84 17.57 -30.76
N SER B 235 11.23 18.31 -31.78
CA SER B 235 11.65 17.73 -33.05
C SER B 235 13.08 17.15 -33.03
N LYS B 236 13.91 17.54 -32.04
CA LYS B 236 15.25 16.96 -31.88
C LYS B 236 15.18 15.58 -31.22
N GLN B 246 12.49 13.16 -31.84
CA GLN B 246 11.86 12.12 -31.01
C GLN B 246 11.40 12.60 -29.62
N GLY B 247 11.57 13.87 -29.29
CA GLY B 247 10.99 14.42 -28.07
C GLY B 247 9.47 14.35 -28.09
N PHE B 248 8.86 14.58 -29.29
CA PHE B 248 7.42 14.37 -29.50
C PHE B 248 6.94 13.00 -29.05
N TRP B 249 7.69 11.93 -29.46
CA TRP B 249 7.37 10.55 -29.09
C TRP B 249 7.41 10.34 -27.60
N GLU B 250 8.48 10.78 -26.91
CA GLU B 250 8.61 10.65 -25.46
C GLU B 250 7.46 11.35 -24.76
N GLU B 251 7.12 12.57 -25.24
CA GLU B 251 6.10 13.35 -24.56
C GLU B 251 4.74 12.68 -24.73
N PHE B 252 4.42 12.25 -25.95
CA PHE B 252 3.22 11.49 -26.21
C PHE B 252 3.12 10.18 -25.41
N GLU B 253 4.18 9.39 -25.40
CA GLU B 253 4.17 8.13 -24.64
C GLU B 253 4.05 8.36 -23.15
N THR B 254 4.53 9.48 -22.60
CA THR B 254 4.28 9.84 -21.19
C THR B 254 2.82 10.12 -20.96
N LEU B 255 2.16 10.83 -21.89
CA LEU B 255 0.73 11.06 -21.82
C LEU B 255 -0.03 9.70 -21.86
N GLN B 256 0.32 8.83 -22.79
CA GLN B 256 -0.29 7.52 -22.96
C GLN B 256 -0.18 6.68 -21.69
N GLN B 257 0.96 6.78 -20.96
CA GLN B 257 1.10 6.05 -19.70
C GLN B 257 0.05 6.40 -18.67
N GLN B 258 -0.53 7.62 -18.74
CA GLN B 258 -1.52 8.05 -17.78
C GLN B 258 -2.94 7.59 -18.09
N GLU B 259 -3.15 6.85 -19.19
CA GLU B 259 -4.51 6.47 -19.58
C GLU B 259 -5.10 5.40 -18.62
N CYS B 260 -4.25 4.68 -17.83
CA CYS B 260 -4.73 3.79 -16.77
C CYS B 260 -5.54 4.51 -15.68
N LYS B 261 -5.34 5.82 -15.53
CA LYS B 261 -6.11 6.65 -14.59
C LYS B 261 -7.53 7.02 -15.09
N LEU B 262 -7.88 6.63 -16.32
CA LEU B 262 -9.12 7.08 -16.97
C LEU B 262 -10.06 5.93 -17.29
N LEU B 263 -9.99 4.84 -16.50
CA LEU B 263 -10.83 3.69 -16.75
C LEU B 263 -12.17 3.86 -16.05
N TYR B 264 -12.90 4.93 -16.40
CA TYR B 264 -14.22 5.20 -15.86
C TYR B 264 -15.28 4.30 -16.44
N SER B 265 -16.38 4.12 -15.69
CA SER B 265 -17.38 3.15 -16.11
C SER B 265 -18.14 3.63 -17.36
N ARG B 266 -18.52 2.65 -18.17
CA ARG B 266 -19.27 2.78 -19.41
C ARG B 266 -20.41 1.74 -19.38
N LYS B 267 -21.13 1.61 -18.24
CA LYS B 267 -22.15 0.60 -18.10
C LYS B 267 -23.35 0.82 -19.00
N GLU B 268 -23.78 2.09 -19.20
CA GLU B 268 -24.96 2.34 -20.00
C GLU B 268 -24.77 1.87 -21.44
N GLY B 269 -23.59 2.17 -22.03
CA GLY B 269 -23.28 1.72 -23.38
C GLY B 269 -23.22 0.21 -23.58
N GLN B 270 -22.99 -0.52 -22.51
CA GLN B 270 -22.91 -2.00 -22.46
C GLN B 270 -24.25 -2.72 -22.33
N ARG B 271 -25.34 -1.99 -22.05
CA ARG B 271 -26.66 -2.64 -21.94
C ARG B 271 -27.08 -3.24 -23.24
N GLN B 272 -27.81 -4.39 -23.20
CA GLN B 272 -28.24 -5.08 -24.41
C GLN B 272 -29.04 -4.18 -25.30
N GLU B 273 -29.92 -3.34 -24.70
CA GLU B 273 -30.79 -2.43 -25.41
C GLU B 273 -29.94 -1.40 -26.20
N ASN B 274 -28.74 -1.10 -25.72
CA ASN B 274 -27.89 -0.07 -26.30
C ASN B 274 -26.79 -0.60 -27.20
N LYS B 275 -26.52 -1.90 -27.19
CA LYS B 275 -25.43 -2.48 -28.02
C LYS B 275 -25.42 -2.05 -29.48
N ASN B 276 -26.55 -2.05 -30.15
CA ASN B 276 -26.61 -1.78 -31.57
C ASN B 276 -26.65 -0.28 -31.90
N LYS B 277 -26.63 0.58 -30.87
CA LYS B 277 -26.50 2.00 -31.03
C LYS B 277 -25.01 2.44 -31.03
N ASN B 278 -24.04 1.51 -31.00
CA ASN B 278 -22.61 1.81 -30.98
C ASN B 278 -22.02 1.32 -32.30
N ARG B 279 -21.25 2.18 -32.96
CA ARG B 279 -20.57 1.81 -34.18
C ARG B 279 -19.55 0.70 -33.93
N TYR B 280 -18.88 0.75 -32.78
CA TYR B 280 -17.89 -0.22 -32.35
C TYR B 280 -18.30 -0.63 -30.91
N LYS B 281 -18.51 -1.93 -30.66
CA LYS B 281 -19.07 -2.40 -29.40
C LYS B 281 -18.31 -2.00 -28.16
N ASN B 282 -16.99 -1.84 -28.23
CA ASN B 282 -16.19 -1.50 -27.05
C ASN B 282 -15.77 -0.05 -27.01
N ILE B 283 -16.16 0.80 -28.00
CA ILE B 283 -15.85 2.23 -27.93
C ILE B 283 -17.13 2.89 -27.44
N LEU B 284 -17.11 3.30 -26.17
CA LEU B 284 -18.30 3.68 -25.43
C LEU B 284 -18.15 4.98 -24.67
N PRO B 285 -19.28 5.67 -24.43
CA PRO B 285 -19.21 6.93 -23.65
C PRO B 285 -19.15 6.64 -22.15
N PHE B 286 -18.34 7.39 -21.43
CA PHE B 286 -18.34 7.34 -20.00
C PHE B 286 -19.70 7.73 -19.44
N ASP B 287 -20.12 6.99 -18.41
CA ASP B 287 -21.42 7.22 -17.79
C ASP B 287 -21.54 8.64 -17.23
N HIS B 288 -20.48 9.15 -16.64
CA HIS B 288 -20.52 10.42 -15.89
C HIS B 288 -20.60 11.62 -16.82
N THR B 289 -20.25 11.46 -18.12
CA THR B 289 -20.34 12.58 -19.10
C THR B 289 -21.13 12.31 -20.35
N ARG B 290 -21.78 11.16 -20.44
CA ARG B 290 -22.64 10.86 -21.56
C ARG B 290 -23.79 11.83 -21.67
N VAL B 291 -24.21 12.06 -22.90
CA VAL B 291 -25.39 12.84 -23.17
C VAL B 291 -26.60 11.95 -22.90
N VAL B 292 -27.44 12.36 -21.97
CA VAL B 292 -28.70 11.64 -21.66
C VAL B 292 -29.86 12.23 -22.40
N LEU B 293 -30.53 11.47 -23.25
CA LEU B 293 -31.68 11.96 -23.96
C LEU B 293 -32.94 11.80 -23.13
N HIS B 294 -33.67 12.87 -23.00
CA HIS B 294 -34.92 12.90 -22.24
C HIS B 294 -36.12 12.96 -23.19
N ASP B 295 -37.31 12.92 -22.65
CA ASP B 295 -38.55 13.06 -23.42
C ASP B 295 -38.67 12.03 -24.55
N GLY B 296 -38.18 10.82 -24.31
CA GLY B 296 -38.22 9.75 -25.30
C GLY B 296 -39.61 9.19 -25.45
N ASP B 297 -39.81 8.33 -26.48
CA ASP B 297 -41.09 7.61 -26.64
C ASP B 297 -41.28 6.71 -25.40
N PRO B 298 -42.38 6.85 -24.61
CA PRO B 298 -42.54 5.95 -23.44
C PRO B 298 -42.53 4.46 -23.81
N ASN B 299 -42.94 4.13 -25.05
CA ASN B 299 -42.96 2.76 -25.55
C ASN B 299 -41.56 2.22 -25.86
N VAL B 302 -35.42 1.39 -23.52
CA VAL B 302 -34.35 2.37 -23.27
C VAL B 302 -34.31 3.46 -24.39
N SER B 303 -34.77 4.69 -24.09
CA SER B 303 -34.83 5.79 -25.05
C SER B 303 -33.83 6.91 -24.76
N ASP B 304 -32.93 6.76 -23.76
CA ASP B 304 -32.08 7.84 -23.24
C ASP B 304 -30.63 7.77 -23.71
N TYR B 305 -30.30 6.89 -24.64
CA TYR B 305 -28.88 6.61 -24.93
C TYR B 305 -28.49 7.02 -26.30
N ILE B 306 -27.33 7.70 -26.37
CA ILE B 306 -26.58 7.98 -27.57
C ILE B 306 -25.08 7.88 -27.21
N ASN B 307 -24.27 7.39 -28.14
CA ASN B 307 -22.84 7.28 -27.98
C ASN B 307 -22.25 8.68 -28.22
N ALA B 308 -22.21 9.47 -27.15
CA ALA B 308 -21.84 10.90 -27.21
C ALA B 308 -21.49 11.33 -25.78
N ASN B 309 -20.51 12.23 -25.63
CA ASN B 309 -20.15 12.83 -24.35
C ASN B 309 -20.07 14.34 -24.44
N ILE B 310 -20.47 15.00 -23.36
CA ILE B 310 -20.21 16.43 -23.17
C ILE B 310 -18.74 16.59 -22.87
N ILE B 311 -18.06 17.50 -23.60
CA ILE B 311 -16.70 17.88 -23.32
C ILE B 311 -16.71 19.36 -22.87
N MET B 312 -16.37 19.58 -21.60
CA MET B 312 -16.43 20.87 -20.91
C MET B 312 -14.99 21.17 -20.58
N PRO B 313 -14.30 22.10 -21.30
CA PRO B 313 -12.91 22.41 -20.94
C PRO B 313 -12.80 22.93 -19.52
N GLU B 314 -11.80 22.45 -18.75
CA GLU B 314 -11.74 22.78 -17.31
C GLU B 314 -10.63 23.85 -16.82
N PHE B 315 -9.41 23.49 -16.56
CA PHE B 315 -8.27 24.36 -16.30
C PHE B 315 -8.14 24.78 -14.82
N LYS B 325 -15.89 30.25 -23.46
CA LYS B 325 -17.11 29.75 -22.79
C LYS B 325 -17.68 28.44 -23.46
N LYS B 326 -17.04 27.99 -24.57
CA LYS B 326 -17.65 27.03 -25.50
C LYS B 326 -17.53 25.58 -24.96
N SER B 327 -18.60 24.76 -25.02
CA SER B 327 -18.47 23.34 -24.74
C SER B 327 -18.76 22.56 -26.03
N TYR B 328 -18.50 21.27 -25.99
CA TYR B 328 -18.59 20.42 -27.17
C TYR B 328 -19.38 19.21 -26.82
N ILE B 329 -19.97 18.60 -27.79
CA ILE B 329 -20.38 17.22 -27.73
C ILE B 329 -19.52 16.42 -28.70
N ALA B 330 -18.87 15.42 -28.22
CA ALA B 330 -18.04 14.53 -29.03
C ALA B 330 -18.85 13.26 -29.23
N THR B 331 -19.08 12.90 -30.52
CA THR B 331 -19.90 11.74 -30.80
C THR B 331 -19.41 11.00 -32.03
N GLN B 332 -19.93 9.81 -32.23
CA GLN B 332 -19.59 8.96 -33.37
C GLN B 332 -20.40 9.40 -34.61
N GLY B 333 -19.99 8.92 -35.76
CA GLY B 333 -20.82 8.96 -36.97
C GLY B 333 -22.13 8.18 -36.77
N CYS B 334 -23.23 8.75 -37.16
CA CYS B 334 -24.56 8.07 -37.10
C CYS B 334 -24.54 6.71 -37.75
N LEU B 335 -25.28 5.81 -37.15
CA LEU B 335 -25.76 4.60 -37.77
C LEU B 335 -27.16 4.86 -38.29
N GLN B 336 -27.64 4.01 -39.20
CA GLN B 336 -28.99 4.20 -39.74
C GLN B 336 -30.04 4.23 -38.61
N ASN B 337 -29.85 3.41 -37.61
CA ASN B 337 -30.74 3.32 -36.44
C ASN B 337 -30.46 4.33 -35.32
N THR B 338 -29.48 5.27 -35.49
CA THR B 338 -29.28 6.32 -34.48
C THR B 338 -29.53 7.73 -35.05
N VAL B 339 -29.94 7.89 -36.32
CA VAL B 339 -30.12 9.22 -36.92
C VAL B 339 -31.18 10.00 -36.14
N ASN B 340 -32.30 9.30 -35.77
CA ASN B 340 -33.35 10.01 -35.00
C ASN B 340 -32.83 10.47 -33.65
N ASP B 341 -32.08 9.61 -32.97
CA ASP B 341 -31.48 9.96 -31.71
C ASP B 341 -30.47 11.14 -31.81
N PHE B 342 -29.66 11.18 -32.90
CA PHE B 342 -28.76 12.28 -33.15
C PHE B 342 -29.51 13.62 -33.20
N TRP B 343 -30.60 13.68 -33.96
CA TRP B 343 -31.39 14.89 -34.02
C TRP B 343 -32.07 15.22 -32.71
N ARG B 344 -32.58 14.24 -31.97
CA ARG B 344 -33.04 14.46 -30.61
C ARG B 344 -31.98 15.11 -29.72
N MET B 345 -30.70 14.64 -29.78
CA MET B 345 -29.57 15.21 -29.04
C MET B 345 -29.36 16.69 -29.44
N VAL B 346 -29.29 16.96 -30.75
CA VAL B 346 -29.03 18.32 -31.24
C VAL B 346 -30.12 19.30 -30.73
N PHE B 347 -31.34 18.90 -30.88
CA PHE B 347 -32.51 19.67 -30.43
C PHE B 347 -32.44 19.93 -28.91
N GLN B 348 -32.32 18.89 -28.12
CA GLN B 348 -32.33 18.98 -26.66
C GLN B 348 -31.20 19.84 -26.09
N GLU B 349 -30.00 19.69 -26.63
CA GLU B 349 -28.86 20.45 -26.17
C GLU B 349 -28.78 21.87 -26.76
N ASN B 350 -29.73 22.24 -27.62
CA ASN B 350 -29.71 23.54 -28.25
C ASN B 350 -28.43 23.79 -29.08
N SER B 351 -27.82 22.73 -29.64
CA SER B 351 -26.65 22.90 -30.49
C SER B 351 -27.08 23.60 -31.79
N ARG B 352 -26.26 24.54 -32.21
CA ARG B 352 -26.47 25.28 -33.45
C ARG B 352 -25.41 25.10 -34.50
N VAL B 353 -24.35 24.36 -34.18
CA VAL B 353 -23.20 24.16 -35.05
C VAL B 353 -22.79 22.68 -34.94
N ILE B 354 -22.67 21.99 -36.11
CA ILE B 354 -22.14 20.64 -36.17
C ILE B 354 -20.85 20.66 -37.00
N VAL B 355 -19.87 19.98 -36.51
CA VAL B 355 -18.60 19.76 -37.17
C VAL B 355 -18.48 18.24 -37.53
N MET B 356 -18.47 17.94 -38.80
CA MET B 356 -18.25 16.60 -39.33
C MET B 356 -16.84 16.46 -39.89
N THR B 357 -16.08 15.46 -39.43
CA THR B 357 -14.59 15.37 -39.55
C THR B 357 -14.15 14.34 -40.64
N THR B 358 -15.11 13.68 -41.26
CA THR B 358 -14.91 12.53 -42.13
C THR B 358 -15.74 12.76 -43.40
N LYS B 359 -15.31 12.23 -44.56
CA LYS B 359 -16.30 12.02 -45.65
C LYS B 359 -17.27 10.93 -45.21
N GLU B 360 -18.42 10.82 -45.88
CA GLU B 360 -19.37 9.73 -45.59
C GLU B 360 -18.71 8.38 -45.81
N VAL B 361 -17.84 8.28 -46.85
CA VAL B 361 -17.14 7.05 -47.21
C VAL B 361 -15.68 7.38 -47.42
N GLU B 362 -14.76 6.66 -46.78
CA GLU B 362 -13.32 6.81 -47.05
C GLU B 362 -12.73 5.43 -47.27
N ARG B 363 -11.88 5.27 -48.30
CA ARG B 363 -11.33 3.96 -48.66
C ARG B 363 -12.41 2.85 -48.78
N GLY B 364 -13.56 3.23 -49.32
CA GLY B 364 -14.68 2.35 -49.62
C GLY B 364 -15.57 1.89 -48.48
N LYS B 365 -15.27 2.31 -47.25
CA LYS B 365 -16.09 1.95 -46.07
C LYS B 365 -16.90 3.14 -45.54
N SER B 366 -18.12 2.89 -45.02
CA SER B 366 -18.96 3.97 -44.48
C SER B 366 -18.39 4.42 -43.13
N LYS B 367 -18.19 5.72 -42.96
CA LYS B 367 -17.72 6.33 -41.71
C LYS B 367 -18.81 7.16 -41.00
N CYS B 368 -19.71 7.83 -41.74
CA CYS B 368 -20.96 8.33 -41.13
C CYS B 368 -22.08 8.26 -42.13
N VAL B 369 -23.31 7.75 -41.75
CA VAL B 369 -24.44 7.77 -42.68
C VAL B 369 -24.82 9.24 -42.93
N LYS B 370 -25.42 9.51 -44.07
CA LYS B 370 -25.98 10.80 -44.35
C LYS B 370 -27.20 10.95 -43.46
N TYR B 371 -27.16 11.91 -42.57
CA TYR B 371 -28.25 12.18 -41.64
C TYR B 371 -28.96 13.50 -41.91
N TRP B 372 -28.65 14.16 -43.06
CA TRP B 372 -29.21 15.43 -43.41
C TRP B 372 -29.90 15.29 -44.77
N PRO B 373 -30.91 16.12 -45.08
CA PRO B 373 -31.51 16.05 -46.40
C PRO B 373 -30.64 16.60 -47.53
N ASP B 374 -30.97 16.23 -48.78
CA ASP B 374 -30.39 16.92 -49.95
C ASP B 374 -30.66 18.40 -49.93
N GLU B 375 -29.83 19.20 -50.63
CA GLU B 375 -30.07 20.63 -50.73
C GLU B 375 -31.51 20.95 -51.21
N TYR B 376 -32.18 21.85 -50.51
CA TYR B 376 -33.55 22.29 -50.75
C TYR B 376 -34.62 21.32 -50.27
N ALA B 377 -34.25 20.15 -49.77
CA ALA B 377 -35.20 19.11 -49.41
C ALA B 377 -35.51 19.20 -47.87
N LEU B 378 -36.64 18.63 -47.50
CA LEU B 378 -37.10 18.51 -46.12
C LEU B 378 -37.30 17.02 -45.82
N LYS B 379 -36.83 16.56 -44.64
CA LYS B 379 -37.08 15.21 -44.17
C LYS B 379 -37.50 15.22 -42.74
N GLU B 380 -38.32 14.19 -42.35
CA GLU B 380 -38.62 13.96 -40.93
C GLU B 380 -37.78 12.81 -40.45
N TYR B 381 -37.18 12.99 -39.27
CA TYR B 381 -36.34 12.03 -38.59
C TYR B 381 -37.04 11.81 -37.26
N GLY B 382 -38.00 10.89 -37.26
CA GLY B 382 -38.89 10.69 -36.13
C GLY B 382 -39.69 11.95 -35.83
N VAL B 383 -39.63 12.41 -34.60
CA VAL B 383 -40.32 13.65 -34.20
C VAL B 383 -39.63 14.94 -34.68
N MET B 384 -38.44 14.87 -35.26
CA MET B 384 -37.68 16.04 -35.70
C MET B 384 -37.82 16.23 -37.15
N ARG B 385 -37.93 17.45 -37.58
CA ARG B 385 -37.93 17.79 -38.99
C ARG B 385 -36.71 18.66 -39.37
N VAL B 386 -36.10 18.33 -40.52
CA VAL B 386 -34.88 19.04 -41.01
C VAL B 386 -35.05 19.51 -42.43
N ARG B 387 -34.93 20.78 -42.66
CA ARG B 387 -34.79 21.37 -43.99
C ARG B 387 -33.35 21.74 -44.27
N ASN B 388 -32.83 21.33 -45.43
CA ASN B 388 -31.56 21.81 -45.94
C ASN B 388 -31.83 23.04 -46.80
N VAL B 389 -31.59 24.24 -46.21
CA VAL B 389 -31.90 25.52 -46.81
C VAL B 389 -30.96 25.87 -47.96
N LYS B 390 -29.71 25.61 -47.79
CA LYS B 390 -28.64 26.00 -48.72
C LYS B 390 -27.32 25.37 -48.33
N GLU B 391 -26.56 24.93 -49.33
CA GLU B 391 -25.23 24.42 -49.18
C GLU B 391 -24.27 25.41 -49.83
N SER B 392 -23.13 25.62 -49.21
CA SER B 392 -22.09 26.52 -49.71
C SER B 392 -20.79 25.73 -49.69
N ALA B 393 -20.16 25.54 -50.87
CA ALA B 393 -18.95 24.71 -50.96
C ALA B 393 -17.69 25.57 -50.89
N ALA B 394 -16.76 25.22 -50.03
CA ALA B 394 -15.40 25.75 -50.02
C ALA B 394 -14.46 24.57 -50.46
N HIS B 395 -13.16 24.79 -50.65
CA HIS B 395 -12.24 23.72 -51.03
C HIS B 395 -12.17 22.65 -49.94
N ASP B 396 -12.00 23.08 -48.70
CA ASP B 396 -11.78 22.15 -47.58
C ASP B 396 -13.05 21.64 -46.92
N TYR B 397 -14.14 22.31 -47.14
CA TYR B 397 -15.42 21.93 -46.45
C TYR B 397 -16.64 22.38 -47.19
N THR B 398 -17.79 21.76 -46.87
CA THR B 398 -19.09 22.22 -47.25
C THR B 398 -19.85 22.69 -46.05
N LEU B 399 -20.48 23.79 -46.16
CA LEU B 399 -21.42 24.29 -45.15
C LEU B 399 -22.86 24.01 -45.58
N ARG B 400 -23.63 23.38 -44.72
CA ARG B 400 -25.06 23.17 -44.94
C ARG B 400 -25.85 23.93 -43.87
N GLU B 401 -26.70 24.83 -44.35
CA GLU B 401 -27.59 25.59 -43.48
C GLU B 401 -28.87 24.77 -43.29
N LEU B 402 -29.05 24.21 -42.10
CA LEU B 402 -30.18 23.33 -41.82
C LEU B 402 -31.18 24.06 -40.89
N LYS B 403 -32.45 23.78 -41.00
CA LYS B 403 -33.44 24.27 -40.06
C LYS B 403 -34.05 23.07 -39.39
N LEU B 404 -33.93 22.99 -38.09
CA LEU B 404 -34.37 21.88 -37.27
C LEU B 404 -35.57 22.36 -36.42
N SER B 405 -36.64 21.55 -36.40
CA SER B 405 -37.82 21.84 -35.60
C SER B 405 -38.46 20.53 -35.15
N LYS B 406 -39.36 20.58 -34.17
CA LYS B 406 -40.11 19.41 -33.74
C LYS B 406 -41.39 19.42 -34.57
N VAL B 407 -41.76 18.26 -35.10
CA VAL B 407 -42.97 18.10 -35.83
C VAL B 407 -44.18 18.55 -34.93
N GLY B 408 -45.11 19.31 -35.49
CA GLY B 408 -46.26 19.81 -34.75
C GLY B 408 -46.06 21.07 -33.96
N GLN B 409 -44.81 21.65 -33.97
CA GLN B 409 -44.49 22.79 -33.11
C GLN B 409 -43.56 23.73 -33.87
N GLY B 410 -44.15 24.56 -34.72
CA GLY B 410 -43.37 25.42 -35.61
C GLY B 410 -42.49 26.44 -34.90
N ASN B 411 -42.94 26.88 -33.71
CA ASN B 411 -42.15 27.81 -32.90
C ASN B 411 -40.88 27.17 -32.28
N THR B 412 -40.55 25.91 -32.58
CA THR B 412 -39.30 25.31 -32.09
C THR B 412 -38.17 25.42 -33.10
N GLU B 413 -38.40 26.05 -34.26
CA GLU B 413 -37.40 26.05 -35.30
C GLU B 413 -36.14 26.85 -34.88
N ARG B 414 -34.96 26.26 -35.18
CA ARG B 414 -33.69 26.94 -35.13
C ARG B 414 -32.78 26.48 -36.27
N THR B 415 -31.88 27.36 -36.68
CA THR B 415 -30.86 27.05 -37.68
C THR B 415 -29.71 26.28 -37.02
N VAL B 416 -29.34 25.19 -37.67
CA VAL B 416 -28.15 24.41 -37.32
C VAL B 416 -27.24 24.46 -38.52
N TRP B 417 -26.01 24.95 -38.30
CA TRP B 417 -25.02 25.11 -39.33
C TRP B 417 -24.06 23.92 -39.28
N GLN B 418 -24.08 23.17 -40.33
CA GLN B 418 -23.30 21.96 -40.42
C GLN B 418 -22.06 22.22 -41.25
N TYR B 419 -20.92 22.18 -40.63
CA TYR B 419 -19.60 22.33 -41.25
C TYR B 419 -18.97 20.95 -41.53
N HIS B 420 -18.95 20.58 -42.79
CA HIS B 420 -18.48 19.25 -43.19
C HIS B 420 -17.10 19.30 -43.78
N PHE B 421 -16.09 18.89 -43.00
CA PHE B 421 -14.72 18.95 -43.41
C PHE B 421 -14.41 17.77 -44.34
N ARG B 422 -13.91 18.04 -45.56
CA ARG B 422 -13.79 17.04 -46.59
C ARG B 422 -12.35 16.71 -47.01
N THR B 423 -11.32 17.40 -46.56
CA THR B 423 -9.96 17.15 -47.06
C THR B 423 -8.98 16.53 -46.09
N TRP B 424 -9.45 15.93 -45.00
CA TRP B 424 -8.56 15.23 -44.08
C TRP B 424 -8.06 13.97 -44.86
N PRO B 425 -6.76 13.65 -44.89
CA PRO B 425 -6.31 12.53 -45.71
C PRO B 425 -6.80 11.18 -45.21
N ASP B 426 -6.77 10.25 -46.19
CA ASP B 426 -7.06 8.85 -45.94
C ASP B 426 -6.02 8.27 -45.02
N HIS B 427 -4.72 8.71 -45.10
CA HIS B 427 -3.69 8.23 -44.18
C HIS B 427 -3.13 9.37 -43.36
N GLY B 428 -3.01 9.20 -42.03
CA GLY B 428 -2.33 10.16 -41.17
C GLY B 428 -3.08 11.47 -40.97
N VAL B 429 -2.34 12.58 -41.03
CA VAL B 429 -2.90 13.90 -40.71
C VAL B 429 -2.59 14.87 -41.85
N PRO B 430 -3.29 16.03 -41.96
CA PRO B 430 -2.88 17.00 -42.98
C PRO B 430 -1.41 17.44 -42.90
N SER B 431 -0.77 17.59 -44.06
CA SER B 431 0.64 18.00 -44.09
C SER B 431 0.76 19.50 -43.67
N ASP B 432 -0.28 20.28 -43.82
CA ASP B 432 -0.28 21.67 -43.39
C ASP B 432 -1.57 21.96 -42.60
N PRO B 433 -1.46 22.55 -41.41
CA PRO B 433 -2.65 22.80 -40.60
C PRO B 433 -3.51 24.00 -41.00
N GLY B 434 -3.11 24.78 -42.01
CA GLY B 434 -3.89 25.95 -42.42
C GLY B 434 -5.37 25.77 -42.70
N GLY B 435 -5.74 24.71 -43.43
CA GLY B 435 -7.12 24.44 -43.75
C GLY B 435 -7.96 24.12 -42.51
N VAL B 436 -7.44 23.25 -41.61
CA VAL B 436 -8.12 22.99 -40.34
C VAL B 436 -8.31 24.30 -39.55
N LEU B 437 -7.28 25.13 -39.48
CA LEU B 437 -7.34 26.38 -38.71
C LEU B 437 -8.31 27.36 -39.28
N ASP B 438 -8.32 27.57 -40.60
CA ASP B 438 -9.29 28.44 -41.26
C ASP B 438 -10.71 27.92 -41.05
N PHE B 439 -10.89 26.61 -41.16
CA PHE B 439 -12.20 25.98 -40.89
C PHE B 439 -12.65 26.24 -39.44
N LEU B 440 -11.78 25.95 -38.46
CA LEU B 440 -12.13 26.17 -37.07
C LEU B 440 -12.38 27.64 -36.75
N GLU B 441 -11.62 28.55 -37.37
CA GLU B 441 -11.90 29.98 -37.22
C GLU B 441 -13.31 30.36 -37.66
N GLU B 442 -13.75 29.87 -38.82
CA GLU B 442 -15.12 30.07 -39.31
C GLU B 442 -16.18 29.48 -38.38
N VAL B 443 -15.98 28.22 -37.96
CA VAL B 443 -16.86 27.56 -37.00
C VAL B 443 -16.99 28.39 -35.70
N HIS B 444 -15.86 28.85 -35.19
CA HIS B 444 -15.82 29.67 -34.00
C HIS B 444 -16.69 30.94 -34.14
N HIS B 445 -16.52 31.67 -35.27
CA HIS B 445 -17.26 32.91 -35.44
C HIS B 445 -18.74 32.64 -35.62
N LYS B 446 -19.11 31.53 -36.30
CA LYS B 446 -20.53 31.16 -36.38
C LYS B 446 -21.12 30.97 -35.01
N GLN B 447 -20.46 30.15 -34.18
CA GLN B 447 -20.95 29.83 -32.86
C GLN B 447 -21.06 31.12 -32.00
N GLU B 448 -20.01 31.95 -32.07
CA GLU B 448 -19.99 33.20 -31.31
C GLU B 448 -21.10 34.17 -31.72
N SER B 449 -21.57 34.13 -32.98
CA SER B 449 -22.61 35.04 -33.48
C SER B 449 -24.02 34.64 -33.01
N ILE B 450 -24.16 33.43 -32.35
CA ILE B 450 -25.51 32.93 -32.08
C ILE B 450 -25.71 33.02 -30.58
N MET B 451 -26.60 33.92 -30.11
CA MET B 451 -26.83 34.11 -28.68
C MET B 451 -27.33 32.81 -28.06
N ASP B 452 -26.75 32.41 -26.91
CA ASP B 452 -27.19 31.22 -26.17
C ASP B 452 -27.15 29.88 -26.96
N ALA B 453 -26.41 29.80 -28.09
CA ALA B 453 -26.08 28.49 -28.73
C ALA B 453 -25.55 27.47 -27.71
N GLY B 454 -25.99 26.24 -27.84
CA GLY B 454 -25.51 25.15 -27.04
C GLY B 454 -24.16 24.63 -27.51
N PRO B 455 -23.76 23.44 -27.00
CA PRO B 455 -22.43 22.89 -27.37
C PRO B 455 -22.30 22.62 -28.84
N VAL B 456 -21.09 22.76 -29.35
CA VAL B 456 -20.78 22.48 -30.72
C VAL B 456 -20.64 20.95 -30.83
N VAL B 457 -21.37 20.33 -31.72
CA VAL B 457 -21.28 18.87 -31.96
C VAL B 457 -20.14 18.59 -32.89
N VAL B 458 -19.27 17.66 -32.52
CA VAL B 458 -18.12 17.27 -33.36
C VAL B 458 -18.15 15.80 -33.49
N HIS B 459 -18.16 15.30 -34.74
CA HIS B 459 -18.20 13.85 -34.90
C HIS B 459 -17.37 13.42 -36.09
N CYS B 460 -16.75 12.24 -35.97
CA CYS B 460 -15.97 11.65 -37.07
C CYS B 460 -16.64 10.27 -37.31
N SER B 461 -15.92 9.18 -37.17
CA SER B 461 -16.28 7.80 -37.33
C SER B 461 -16.57 7.20 -35.92
N ALA B 462 -15.57 6.86 -35.11
CA ALA B 462 -15.80 6.49 -33.71
C ALA B 462 -15.94 7.70 -32.76
N GLY B 463 -15.65 8.94 -33.21
CA GLY B 463 -15.78 10.12 -32.39
C GLY B 463 -14.69 10.32 -31.31
N ILE B 464 -13.46 9.83 -31.53
CA ILE B 464 -12.38 9.97 -30.57
C ILE B 464 -11.07 10.49 -31.21
N GLY B 465 -10.72 10.05 -32.43
CA GLY B 465 -9.43 10.40 -33.02
C GLY B 465 -9.40 11.80 -33.64
N ARG B 466 -9.98 11.91 -34.82
CA ARG B 466 -10.13 13.22 -35.46
C ARG B 466 -10.93 14.15 -34.62
N THR B 467 -12.03 13.63 -34.02
CA THR B 467 -12.89 14.46 -33.19
C THR B 467 -12.11 15.06 -32.02
N GLY B 468 -11.30 14.23 -31.37
CA GLY B 468 -10.50 14.70 -30.25
C GLY B 468 -9.47 15.74 -30.71
N THR B 469 -8.87 15.53 -31.85
CA THR B 469 -7.87 16.43 -32.44
C THR B 469 -8.44 17.77 -32.75
N PHE B 470 -9.55 17.80 -33.46
CA PHE B 470 -10.25 19.07 -33.73
C PHE B 470 -10.66 19.81 -32.44
N ILE B 471 -11.23 19.07 -31.45
CA ILE B 471 -11.68 19.72 -30.24
C ILE B 471 -10.46 20.31 -29.48
N VAL B 472 -9.35 19.57 -29.35
CA VAL B 472 -8.18 20.06 -28.60
C VAL B 472 -7.59 21.30 -29.26
N ILE B 473 -7.44 21.26 -30.59
CA ILE B 473 -7.01 22.44 -31.37
C ILE B 473 -7.95 23.62 -31.08
N ASP B 474 -9.25 23.41 -31.14
CA ASP B 474 -10.20 24.47 -30.89
C ASP B 474 -10.04 25.07 -29.52
N ILE B 475 -9.88 24.23 -28.51
CA ILE B 475 -9.64 24.70 -27.16
C ILE B 475 -8.39 25.55 -27.07
N LEU B 476 -7.28 25.07 -27.65
CA LEU B 476 -6.00 25.76 -27.48
C LEU B 476 -5.99 27.07 -28.22
N ILE B 477 -6.52 27.08 -29.45
CA ILE B 477 -6.58 28.31 -30.21
C ILE B 477 -7.60 29.27 -29.58
N ASP B 478 -8.68 28.80 -28.96
CA ASP B 478 -9.60 29.68 -28.21
C ASP B 478 -8.86 30.53 -27.10
N ILE B 479 -7.98 29.90 -26.36
CA ILE B 479 -7.16 30.61 -25.35
C ILE B 479 -6.32 31.71 -26.03
N ILE B 480 -5.60 31.38 -27.09
CA ILE B 480 -4.75 32.30 -27.78
C ILE B 480 -5.53 33.42 -28.39
N ARG B 481 -6.72 33.14 -28.92
CA ARG B 481 -7.57 34.18 -29.52
C ARG B 481 -8.08 35.20 -28.49
N GLU B 482 -8.42 34.77 -27.29
CA GLU B 482 -8.96 35.66 -26.28
C GLU B 482 -7.82 36.39 -25.57
N LYS B 483 -6.73 35.68 -25.14
CA LYS B 483 -5.59 36.21 -24.32
C LYS B 483 -4.40 36.73 -25.13
N GLY B 484 -4.35 36.44 -26.40
CA GLY B 484 -3.20 36.73 -27.22
C GLY B 484 -2.05 35.79 -26.94
N VAL B 485 -0.90 36.14 -27.50
CA VAL B 485 0.27 35.30 -27.49
C VAL B 485 0.88 35.14 -26.09
N ASP B 486 0.53 36.00 -25.11
CA ASP B 486 1.00 35.83 -23.72
C ASP B 486 -0.04 35.14 -22.85
N CYS B 487 -0.18 33.83 -23.06
CA CYS B 487 -1.01 32.92 -22.27
C CYS B 487 -0.25 31.64 -22.11
N ASP B 488 -0.41 30.97 -20.99
CA ASP B 488 0.10 29.62 -20.87
C ASP B 488 -0.83 28.62 -21.57
N ILE B 489 -0.21 27.72 -22.33
CA ILE B 489 -0.89 26.54 -22.82
C ILE B 489 -0.10 25.32 -22.40
N ASP B 490 -0.78 24.20 -22.32
CA ASP B 490 -0.21 22.93 -21.93
C ASP B 490 -0.98 21.83 -22.72
N VAL B 491 -0.39 21.40 -23.84
CA VAL B 491 -1.01 20.46 -24.78
C VAL B 491 -1.37 19.13 -24.12
N PRO B 492 -0.40 18.40 -23.49
CA PRO B 492 -0.78 17.13 -22.84
C PRO B 492 -1.77 17.28 -21.71
N LYS B 493 -1.69 18.37 -20.92
CA LYS B 493 -2.60 18.53 -19.80
C LYS B 493 -4.05 18.68 -20.33
N THR B 494 -4.20 19.49 -21.37
CA THR B 494 -5.49 19.70 -22.07
C THR B 494 -6.05 18.40 -22.66
N ILE B 495 -5.21 17.58 -23.31
CA ILE B 495 -5.61 16.28 -23.81
C ILE B 495 -6.08 15.39 -22.69
N GLN B 496 -5.34 15.36 -21.56
CA GLN B 496 -5.69 14.45 -20.47
C GLN B 496 -7.02 14.84 -19.88
N MET B 497 -7.27 16.15 -19.75
CA MET B 497 -8.53 16.68 -19.28
C MET B 497 -9.73 16.25 -20.21
N VAL B 498 -9.52 16.35 -21.53
CA VAL B 498 -10.54 15.92 -22.48
C VAL B 498 -10.74 14.37 -22.45
N ARG B 499 -9.64 13.58 -22.36
CA ARG B 499 -9.68 12.12 -22.24
C ARG B 499 -10.37 11.62 -20.98
N SER B 500 -10.48 12.48 -19.92
CA SER B 500 -11.27 12.17 -18.76
C SER B 500 -12.78 12.29 -19.02
N GLN B 501 -13.17 12.86 -20.19
CA GLN B 501 -14.59 13.08 -20.51
C GLN B 501 -15.06 12.23 -21.66
N ARG B 502 -14.16 11.69 -22.50
CA ARG B 502 -14.52 10.66 -23.47
C ARG B 502 -13.27 9.85 -23.78
N SER B 503 -13.42 8.52 -23.90
CA SER B 503 -12.30 7.59 -24.01
C SER B 503 -11.41 7.90 -25.21
N GLY B 504 -10.13 8.04 -24.98
CA GLY B 504 -9.10 8.00 -26.01
C GLY B 504 -9.11 9.19 -26.97
N MET B 505 -9.63 10.32 -26.51
CA MET B 505 -9.63 11.55 -27.33
C MET B 505 -8.17 11.92 -27.72
N VAL B 506 -7.90 12.00 -29.04
CA VAL B 506 -6.55 12.08 -29.65
C VAL B 506 -5.93 10.68 -29.60
N GLN B 507 -5.89 10.05 -30.76
CA GLN B 507 -5.55 8.63 -30.90
C GLN B 507 -4.04 8.40 -31.17
N THR B 508 -3.39 9.24 -31.97
CA THR B 508 -2.03 8.93 -32.45
C THR B 508 -0.97 10.01 -32.15
N GLU B 509 0.31 9.61 -32.21
CA GLU B 509 1.42 10.53 -32.14
C GLU B 509 1.37 11.51 -33.28
N ALA B 510 0.96 11.08 -34.48
CA ALA B 510 0.78 11.97 -35.64
C ALA B 510 -0.22 13.14 -35.37
N GLN B 511 -1.36 12.82 -34.72
CA GLN B 511 -2.36 13.83 -34.33
C GLN B 511 -1.80 14.69 -33.22
N TYR B 512 -1.08 14.11 -32.25
CA TYR B 512 -0.43 14.88 -31.20
C TYR B 512 0.53 15.97 -31.79
N ARG B 513 1.42 15.57 -32.71
CA ARG B 513 2.29 16.51 -33.38
C ARG B 513 1.53 17.53 -34.19
N PHE B 514 0.45 17.12 -34.84
CA PHE B 514 -0.37 18.01 -35.63
C PHE B 514 -0.98 19.09 -34.76
N ILE B 515 -1.40 18.77 -33.54
CA ILE B 515 -1.94 19.76 -32.58
C ILE B 515 -0.88 20.84 -32.33
N TYR B 516 0.33 20.45 -32.00
CA TYR B 516 1.45 21.41 -31.83
C TYR B 516 1.68 22.23 -33.06
N MET B 517 1.70 21.59 -34.24
CA MET B 517 1.86 22.31 -35.52
C MET B 517 0.74 23.29 -35.81
N ALA B 518 -0.52 22.93 -35.51
CA ALA B 518 -1.63 23.83 -35.65
C ALA B 518 -1.51 25.06 -34.72
N VAL B 519 -1.18 24.86 -33.46
CA VAL B 519 -0.98 25.95 -32.52
C VAL B 519 0.17 26.88 -32.98
N GLN B 520 1.28 26.30 -33.43
CA GLN B 520 2.41 27.03 -34.01
C GLN B 520 2.00 27.88 -35.19
N HIS B 521 1.28 27.29 -36.16
CA HIS B 521 0.81 28.03 -37.36
C HIS B 521 -0.11 29.14 -36.96
N TYR B 522 -1.08 28.88 -36.07
CA TYR B 522 -2.00 29.90 -35.60
C TYR B 522 -1.24 31.14 -35.04
N ILE B 523 -0.30 30.91 -34.13
CA ILE B 523 0.55 31.94 -33.51
C ILE B 523 1.28 32.73 -34.61
N GLU B 524 1.96 32.03 -35.54
CA GLU B 524 2.59 32.60 -36.74
C GLU B 524 1.67 33.50 -37.58
N THR B 525 0.46 33.08 -37.89
CA THR B 525 -0.46 33.91 -38.69
C THR B 525 -0.91 35.16 -37.93
N LEU B 526 -1.00 35.10 -36.60
CA LEU B 526 -1.30 36.25 -35.76
C LEU B 526 -0.13 37.25 -35.88
N GLN B 527 1.11 36.79 -35.69
CA GLN B 527 2.31 37.64 -35.78
C GLN B 527 2.60 38.15 -37.21
N ARG B 528 2.10 37.48 -38.25
CA ARG B 528 2.17 38.01 -39.61
C ARG B 528 1.13 39.11 -39.82
N ARG B 529 -0.03 39.04 -39.14
CA ARG B 529 -0.95 40.16 -39.04
C ARG B 529 -0.50 41.15 -37.95
#